data_2QYV
#
_entry.id   2QYV
#
_cell.length_a   173.922
_cell.length_b   84.293
_cell.length_c   123.204
_cell.angle_alpha   90.000
_cell.angle_beta   90.000
_cell.angle_gamma   90.000
#
_symmetry.space_group_name_H-M   'P 21 21 2'
#
loop_
_entity.id
_entity.type
_entity.pdbx_description
1 polymer 'Xaa-His dipeptidase'
2 non-polymer 'ZINC ION'
3 non-polymer 'SULFATE ION'
4 non-polymer GLYCEROL
5 non-polymer 'ISOPROPYL ALCOHOL'
6 water water
#
_entity_poly.entity_id   1
_entity_poly.type   'polypeptide(L)'
_entity_poly.pdbx_seq_one_letter_code
;G(MSE)SDLQSLQPKLLWQWFDQICAIPHPSYKEEQLAQFIINWAKTKGFFAERDEVGNVLIRKPATVG(MSE)ENRKPV
VLQAHLD(MSE)VPQANEGTNHNFDQDPILPYIDGDWVKAKGTTLGADNGIG(MSE)ASALAVLESNDIAHPELEVLLT
(MSE)TEERG(MSE)EGAIGLRPNWLRSEILINTDTEENGEIYIGCAGGENADLELPIEYQVNNFEHCYQVVLKGLRGGH
SGVDIHTGRANAIKVLLRFLAELQQNQPHFDFTLANIRGGSIRNAIPRESVATLVFNGDITVLQSAVQKFADVIKAELAL
TEPNLIFTLEKVEKPQQVFSSQCTKNIIHCLNVLPNGVVRNSDVIENVVETSLSIGVLKTEDNFVRST(MSE)LVRSLIE
SGKSYVASLLKSLASLAQGNINLSGDYPGWEPQSHSDILDLTKTIYAQVLGTDPEIKVIHAGLECGLLKKIYPTID
(MSE)VSIGPTIRNAHSPDEKVHIPAVETYWKVLTGILAHIPSR
;
_entity_poly.pdbx_strand_id   A,B
#
# COMPACT_ATOMS: atom_id res chain seq x y z
N GLN A 6 40.03 14.87 -14.76
CA GLN A 6 40.04 14.81 -16.26
C GLN A 6 40.71 13.53 -16.75
N SER A 7 40.87 12.55 -15.85
CA SER A 7 41.70 11.36 -16.11
C SER A 7 41.00 10.28 -16.94
N LEU A 8 39.77 9.91 -16.56
CA LEU A 8 39.15 8.66 -17.01
C LEU A 8 38.55 8.67 -18.43
N GLN A 9 38.34 7.48 -18.98
CA GLN A 9 37.82 7.29 -20.34
C GLN A 9 36.34 6.88 -20.28
N PRO A 10 35.50 7.35 -21.23
CA PRO A 10 35.79 8.18 -22.41
C PRO A 10 36.21 9.62 -22.11
N LYS A 11 37.38 10.02 -22.62
CA LYS A 11 38.00 11.32 -22.30
C LYS A 11 37.05 12.50 -22.47
N LEU A 12 36.43 12.61 -23.64
CA LEU A 12 35.61 13.78 -23.99
C LEU A 12 34.46 14.00 -23.02
N LEU A 13 33.77 12.91 -22.68
CA LEU A 13 32.67 12.94 -21.71
C LEU A 13 33.16 13.42 -20.34
N TRP A 14 34.23 12.79 -19.86
CA TRP A 14 34.76 13.08 -18.52
C TRP A 14 35.41 14.45 -18.43
N GLN A 15 36.13 14.85 -19.48
CA GLN A 15 36.68 16.20 -19.56
C GLN A 15 35.58 17.25 -19.53
N TRP A 16 34.47 16.94 -20.20
CA TRP A 16 33.29 17.79 -20.14
C TRP A 16 32.64 17.78 -18.76
N PHE A 17 32.55 16.62 -18.14
CA PHE A 17 31.96 16.53 -16.80
C PHE A 17 32.79 17.32 -15.81
N ASP A 18 34.11 17.18 -15.94
CA ASP A 18 35.06 17.90 -15.09
C ASP A 18 34.84 19.42 -15.25
N GLN A 19 34.69 19.86 -16.49
CA GLN A 19 34.34 21.26 -16.79
C GLN A 19 33.00 21.67 -16.15
N ILE A 20 32.04 20.76 -16.18
CA ILE A 20 30.70 21.04 -15.69
C ILE A 20 30.75 21.23 -14.19
N CYS A 21 31.55 20.40 -13.53
CA CYS A 21 31.76 20.53 -12.08
C CYS A 21 32.47 21.84 -11.72
N ALA A 22 33.41 22.26 -12.56
CA ALA A 22 34.12 23.51 -12.35
C ALA A 22 33.20 24.75 -12.32
N ILE A 23 32.09 24.71 -13.05
CA ILE A 23 31.18 25.86 -13.12
C ILE A 23 29.99 25.67 -12.20
N PRO A 24 29.94 26.43 -11.08
CA PRO A 24 28.80 26.27 -10.19
C PRO A 24 27.51 26.46 -10.98
N HIS A 25 26.61 25.48 -10.88
CA HIS A 25 25.39 25.46 -11.68
C HIS A 25 24.19 24.93 -10.90
N PRO A 26 24.04 25.35 -9.63
CA PRO A 26 22.88 24.91 -8.88
C PRO A 26 21.57 25.37 -9.51
N SER A 27 20.47 24.78 -9.04
CA SER A 27 19.17 24.87 -9.72
C SER A 27 18.51 26.26 -9.83
N TYR A 28 19.30 27.33 -9.75
CA TYR A 28 18.87 28.65 -10.25
C TYR A 28 20.04 29.54 -10.72
N LYS A 29 21.25 29.02 -10.70
CA LYS A 29 22.44 29.77 -11.11
C LYS A 29 23.05 29.14 -12.39
N GLU A 30 22.17 28.69 -13.30
CA GLU A 30 22.60 27.98 -14.52
C GLU A 30 23.23 28.88 -15.58
N GLU A 31 23.22 30.19 -15.37
CA GLU A 31 23.63 31.12 -16.40
C GLU A 31 25.06 30.88 -16.89
N GLN A 32 26.00 30.85 -15.96
CA GLN A 32 27.42 30.70 -16.28
C GLN A 32 27.70 29.49 -17.16
N LEU A 33 27.09 28.35 -16.81
CA LEU A 33 27.24 27.12 -17.58
C LEU A 33 26.60 27.24 -18.97
N ALA A 34 25.35 27.70 -19.00
CA ALA A 34 24.62 27.89 -20.27
C ALA A 34 25.42 28.76 -21.25
N GLN A 35 25.98 29.86 -20.74
CA GLN A 35 26.76 30.76 -21.55
C GLN A 35 28.10 30.14 -21.93
N PHE A 36 28.67 29.32 -21.05
CA PHE A 36 29.92 28.62 -21.37
C PHE A 36 29.73 27.63 -22.51
N ILE A 37 28.59 26.94 -22.50
CA ILE A 37 28.24 25.94 -23.53
C ILE A 37 27.97 26.62 -24.87
N ILE A 38 27.18 27.69 -24.86
CA ILE A 38 26.85 28.39 -26.10
C ILE A 38 28.12 28.95 -26.77
N ASN A 39 28.96 29.66 -26.02
CA ASN A 39 30.19 30.22 -26.59
C ASN A 39 31.08 29.11 -27.15
N TRP A 40 31.20 28.00 -26.42
CA TRP A 40 32.00 26.87 -26.86
C TRP A 40 31.46 26.29 -28.15
N ALA A 41 30.15 26.06 -28.17
CA ALA A 41 29.43 25.62 -29.36
C ALA A 41 29.80 26.51 -30.54
N LYS A 42 29.75 27.81 -30.33
CA LYS A 42 29.97 28.76 -31.39
C LYS A 42 31.41 28.74 -31.91
N THR A 43 32.37 28.45 -31.03
CA THR A 43 33.77 28.31 -31.47
C THR A 43 33.97 27.09 -32.40
N LYS A 44 33.05 26.12 -32.34
CA LYS A 44 33.05 24.94 -33.21
C LYS A 44 32.19 25.15 -34.45
N GLY A 45 31.59 26.32 -34.57
CA GLY A 45 30.75 26.63 -35.70
C GLY A 45 29.42 25.94 -35.66
N PHE A 46 28.98 25.52 -34.47
CA PHE A 46 27.62 24.98 -34.30
C PHE A 46 26.62 26.09 -34.08
N PHE A 47 25.46 25.94 -34.73
CA PHE A 47 24.25 26.65 -34.33
C PHE A 47 24.04 26.49 -32.82
N ALA A 48 23.83 27.61 -32.14
CA ALA A 48 23.60 27.61 -30.69
C ALA A 48 22.61 28.72 -30.35
N GLU A 49 21.52 28.34 -29.68
CA GLU A 49 20.45 29.28 -29.36
C GLU A 49 19.86 28.96 -27.98
N ARG A 50 19.18 29.95 -27.40
CA ARG A 50 18.38 29.75 -26.20
C ARG A 50 16.99 30.28 -26.47
N ASP A 51 15.98 29.67 -25.86
CA ASP A 51 14.61 30.14 -26.01
C ASP A 51 14.28 31.14 -24.89
N GLU A 52 13.06 31.67 -24.94
CA GLU A 52 12.57 32.67 -23.99
C GLU A 52 12.86 32.29 -22.52
N VAL A 53 12.70 31.02 -22.20
CA VAL A 53 12.94 30.51 -20.84
C VAL A 53 14.41 30.26 -20.50
N GLY A 54 15.22 30.05 -21.54
CA GLY A 54 16.67 29.86 -21.37
C GLY A 54 17.16 28.45 -21.60
N ASN A 55 16.35 27.62 -22.27
CA ASN A 55 16.80 26.29 -22.67
C ASN A 55 17.84 26.45 -23.78
N VAL A 56 18.92 25.65 -23.72
CA VAL A 56 19.96 25.67 -24.74
C VAL A 56 19.67 24.65 -25.84
N LEU A 57 19.72 25.08 -27.09
CA LEU A 57 19.63 24.16 -28.23
C LEU A 57 20.87 24.33 -29.10
N ILE A 58 21.60 23.23 -29.30
CA ILE A 58 22.74 23.21 -30.21
C ILE A 58 22.42 22.23 -31.35
N ARG A 59 22.89 22.57 -32.55
CA ARG A 59 22.70 21.73 -33.72
C ARG A 59 24.03 21.44 -34.41
N LYS A 60 24.16 20.23 -34.95
CA LYS A 60 25.34 19.78 -35.67
C LYS A 60 24.89 18.89 -36.83
N PRO A 61 25.51 19.02 -38.01
CA PRO A 61 25.03 18.21 -39.12
C PRO A 61 25.31 16.73 -38.95
N ALA A 62 24.68 15.90 -39.79
CA ALA A 62 24.98 14.47 -39.85
C ALA A 62 26.47 14.26 -40.15
N THR A 63 27.03 13.18 -39.62
CA THR A 63 28.38 12.77 -39.99
C THR A 63 28.31 12.15 -41.39
N VAL A 64 29.46 12.07 -42.04
CA VAL A 64 29.53 11.62 -43.44
C VAL A 64 28.92 10.22 -43.55
N GLY A 65 27.95 10.08 -44.44
CA GLY A 65 27.23 8.82 -44.64
C GLY A 65 25.95 8.65 -43.85
N GLU A 67 23.41 10.99 -43.70
CA GLU A 67 22.62 12.14 -44.13
C GLU A 67 21.12 11.85 -44.29
N ASN A 68 20.75 10.63 -44.66
CA ASN A 68 19.33 10.28 -44.84
C ASN A 68 18.73 9.66 -43.60
N ARG A 69 19.30 9.95 -42.44
CA ARG A 69 18.91 9.26 -41.24
C ARG A 69 18.20 10.19 -40.32
N LYS A 70 17.28 9.63 -39.54
CA LYS A 70 16.32 10.43 -38.80
C LYS A 70 17.05 11.30 -37.80
N PRO A 71 16.76 12.61 -37.78
CA PRO A 71 17.46 13.49 -36.82
C PRO A 71 17.12 13.19 -35.35
N VAL A 72 18.13 13.36 -34.50
CA VAL A 72 18.04 12.99 -33.10
C VAL A 72 18.37 14.18 -32.22
N VAL A 73 17.67 14.32 -31.10
CA VAL A 73 18.05 15.28 -30.07
C VAL A 73 18.38 14.52 -28.81
N LEU A 74 19.51 14.87 -28.21
CA LEU A 74 19.88 14.34 -26.90
C LEU A 74 19.55 15.42 -25.89
N GLN A 75 18.83 15.04 -24.84
CA GLN A 75 18.35 16.02 -23.87
C GLN A 75 18.85 15.71 -22.46
N ALA A 76 19.32 16.75 -21.79
CA ALA A 76 19.74 16.67 -20.38
C ALA A 76 19.36 17.98 -19.72
N HIS A 77 19.30 18.02 -18.39
CA HIS A 77 18.99 19.28 -17.72
C HIS A 77 20.23 19.95 -17.12
N LEU A 78 20.27 21.27 -17.23
CA LEU A 78 21.46 22.08 -16.89
C LEU A 78 21.77 22.13 -15.40
N ASP A 79 20.74 21.96 -14.58
CA ASP A 79 20.84 22.21 -13.16
C ASP A 79 21.01 20.94 -12.31
N VAL A 81 20.89 19.75 -7.90
CA VAL A 81 20.35 20.06 -6.58
C VAL A 81 21.47 20.41 -5.59
N PRO A 82 21.38 21.56 -4.90
CA PRO A 82 22.47 21.99 -3.99
C PRO A 82 22.42 21.41 -2.55
N GLN A 83 21.35 20.72 -2.17
CA GLN A 83 21.25 20.10 -0.84
C GLN A 83 22.29 18.99 -0.66
N GLN A 94 26.72 28.58 -4.87
CA GLN A 94 27.40 29.47 -5.82
C GLN A 94 28.93 29.32 -5.84
N ASP A 95 29.44 28.26 -5.22
CA ASP A 95 30.87 27.89 -5.25
C ASP A 95 31.08 26.58 -6.04
N PRO A 96 32.29 26.38 -6.62
CA PRO A 96 32.52 25.23 -7.51
C PRO A 96 32.42 23.86 -6.84
N ILE A 97 32.37 22.79 -7.64
CA ILE A 97 32.31 21.42 -7.13
C ILE A 97 33.67 20.72 -7.20
N LEU A 98 34.01 19.98 -6.15
CA LEU A 98 35.29 19.27 -6.05
C LEU A 98 35.09 17.75 -6.11
N PRO A 99 35.09 17.17 -7.32
CA PRO A 99 34.93 15.72 -7.50
C PRO A 99 36.24 14.93 -7.35
N TYR A 100 36.12 13.61 -7.21
CA TYR A 100 37.31 12.73 -7.21
C TYR A 100 36.94 11.28 -7.51
N ILE A 101 37.95 10.49 -7.88
CA ILE A 101 37.79 9.06 -8.14
C ILE A 101 38.02 8.24 -6.87
N ASP A 102 36.94 7.69 -6.32
CA ASP A 102 36.99 6.84 -5.13
C ASP A 102 37.58 5.47 -5.46
N GLY A 103 36.76 4.57 -6.03
CA GLY A 103 37.22 3.26 -6.51
C GLY A 103 36.78 3.09 -7.95
N ASP A 104 35.60 2.52 -8.14
CA ASP A 104 34.91 2.53 -9.42
C ASP A 104 33.78 3.57 -9.39
N TRP A 105 33.96 4.59 -8.55
CA TRP A 105 32.93 5.59 -8.31
C TRP A 105 33.54 6.98 -8.26
N VAL A 106 32.74 7.98 -8.62
CA VAL A 106 33.16 9.38 -8.53
C VAL A 106 32.23 10.09 -7.57
N LYS A 107 32.79 10.93 -6.69
CA LYS A 107 32.01 11.64 -5.67
C LYS A 107 32.46 13.09 -5.58
N ALA A 108 31.64 13.92 -4.95
CA ALA A 108 31.99 15.31 -4.63
C ALA A 108 32.51 15.38 -3.20
N LYS A 109 33.44 16.31 -2.95
CA LYS A 109 34.05 16.45 -1.63
C LYS A 109 33.06 17.04 -0.63
N GLY A 110 32.24 16.17 -0.06
CA GLY A 110 31.29 16.56 1.00
C GLY A 110 30.07 17.34 0.53
N THR A 111 29.55 16.99 -0.65
CA THR A 111 28.41 17.71 -1.23
C THR A 111 27.77 16.89 -2.35
N THR A 112 26.69 17.39 -2.94
CA THR A 112 26.10 16.76 -4.12
C THR A 112 27.04 16.91 -5.31
N LEU A 113 27.08 15.89 -6.16
CA LEU A 113 28.06 15.80 -7.25
C LEU A 113 27.59 16.51 -8.51
N GLY A 114 26.31 16.33 -8.86
CA GLY A 114 25.77 16.85 -10.10
C GLY A 114 25.80 15.84 -11.23
N ALA A 115 26.15 14.60 -10.93
CA ALA A 115 26.12 13.51 -11.90
C ALA A 115 24.72 13.46 -12.52
N ASP A 116 23.72 13.70 -11.69
CA ASP A 116 22.38 14.02 -12.17
C ASP A 116 22.29 15.55 -12.36
N ASN A 117 22.28 16.07 -13.60
CA ASN A 117 22.24 15.31 -14.86
C ASN A 117 23.48 15.66 -15.70
N GLY A 118 24.59 15.88 -15.01
CA GLY A 118 25.81 16.36 -15.63
C GLY A 118 26.51 15.34 -16.51
N ILE A 119 26.35 14.06 -16.21
CA ILE A 119 26.98 13.02 -17.01
C ILE A 119 26.28 12.85 -18.35
N GLY A 120 24.95 12.85 -18.33
CA GLY A 120 24.16 12.84 -19.55
C GLY A 120 24.50 14.05 -20.40
N ALA A 122 27.27 15.93 -20.24
CA ALA A 122 28.64 15.77 -20.73
C ALA A 122 28.67 14.91 -21.98
N SER A 123 27.89 13.83 -21.97
CA SER A 123 27.93 12.87 -23.05
C SER A 123 27.36 13.48 -24.33
N ALA A 124 26.35 14.32 -24.20
CA ALA A 124 25.77 14.98 -25.35
C ALA A 124 26.77 15.97 -25.92
N LEU A 125 27.49 16.67 -25.06
CA LEU A 125 28.51 17.61 -25.51
C LEU A 125 29.72 16.89 -26.14
N ALA A 126 30.12 15.77 -25.55
CA ALA A 126 31.21 14.95 -26.10
C ALA A 126 30.90 14.50 -27.52
N VAL A 127 29.66 14.06 -27.75
CA VAL A 127 29.22 13.69 -29.09
C VAL A 127 29.34 14.88 -30.04
N LEU A 128 28.91 16.06 -29.61
CA LEU A 128 29.03 17.26 -30.44
C LEU A 128 30.49 17.53 -30.76
N GLU A 129 31.33 17.42 -29.76
CA GLU A 129 32.76 17.70 -29.86
C GLU A 129 33.50 16.72 -30.76
N SER A 130 33.02 15.48 -30.83
CA SER A 130 33.73 14.43 -31.53
C SER A 130 33.83 14.70 -33.02
N ASN A 131 34.82 14.06 -33.64
CA ASN A 131 34.94 14.04 -35.10
C ASN A 131 35.02 12.63 -35.67
N ASP A 132 34.72 11.63 -34.85
CA ASP A 132 34.85 10.22 -35.24
C ASP A 132 33.80 9.30 -34.61
N ILE A 133 32.63 9.88 -34.30
CA ILE A 133 31.47 9.15 -33.83
C ILE A 133 30.37 9.40 -34.83
N ALA A 134 29.83 8.33 -35.39
CA ALA A 134 28.75 8.43 -36.37
C ALA A 134 27.48 8.88 -35.68
N HIS A 135 26.80 9.84 -36.30
CA HIS A 135 25.50 10.27 -35.82
C HIS A 135 24.76 11.00 -36.93
N PRO A 136 23.43 10.93 -36.91
CA PRO A 136 22.63 11.69 -37.86
C PRO A 136 22.61 13.18 -37.52
N GLU A 137 21.82 13.93 -38.27
CA GLU A 137 21.55 15.33 -37.98
C GLU A 137 21.20 15.43 -36.48
N LEU A 138 21.94 16.26 -35.75
CA LEU A 138 21.94 16.17 -34.30
C LEU A 138 21.44 17.45 -33.62
N GLU A 139 20.70 17.28 -32.54
CA GLU A 139 20.39 18.37 -31.62
C GLU A 139 20.80 17.97 -30.23
N VAL A 140 21.21 18.96 -29.45
CA VAL A 140 21.42 18.78 -28.03
C VAL A 140 20.59 19.83 -27.33
N LEU A 141 19.58 19.37 -26.57
CA LEU A 141 18.68 20.25 -25.83
C LEU A 141 19.03 20.17 -24.37
N LEU A 142 19.42 21.30 -23.79
CA LEU A 142 19.73 21.33 -22.38
C LEU A 142 18.69 22.22 -21.71
N THR A 143 17.91 21.62 -20.83
CA THR A 143 16.73 22.27 -20.25
C THR A 143 17.05 22.99 -18.94
N THR A 145 16.33 24.40 -15.09
CA THR A 145 15.64 24.29 -13.81
C THR A 145 14.71 23.07 -13.70
N GLU A 146 15.26 21.89 -14.00
CA GLU A 146 14.50 20.66 -13.85
C GLU A 146 14.19 20.33 -12.38
N GLU A 147 15.11 20.65 -11.47
CA GLU A 147 15.03 20.20 -10.07
C GLU A 147 14.14 21.06 -9.17
N ARG A 148 13.76 22.24 -9.65
CA ARG A 148 12.81 23.08 -8.93
C ARG A 148 11.65 23.40 -9.89
N GLY A 149 10.88 22.36 -10.21
CA GLY A 149 9.62 22.51 -10.95
C GLY A 149 9.63 22.39 -12.48
N GLU A 151 11.01 24.05 -14.98
CA GLU A 151 10.63 25.35 -15.56
C GLU A 151 11.05 25.41 -17.02
N GLY A 152 12.24 24.88 -17.30
CA GLY A 152 12.71 24.70 -18.67
C GLY A 152 11.76 23.90 -19.54
N ALA A 153 11.50 22.66 -19.13
CA ALA A 153 10.62 21.76 -19.89
C ALA A 153 9.22 22.35 -20.09
N ILE A 154 8.67 22.99 -19.04
CA ILE A 154 7.38 23.64 -19.12
C ILE A 154 7.42 24.73 -20.20
N GLY A 155 8.41 25.60 -20.12
CA GLY A 155 8.52 26.73 -21.05
C GLY A 155 9.30 26.51 -22.33
N LEU A 156 9.45 25.27 -22.77
CA LEU A 156 10.19 24.96 -24.00
C LEU A 156 9.44 25.48 -25.24
N ARG A 157 10.18 26.16 -26.12
CA ARG A 157 9.63 26.68 -27.36
C ARG A 157 9.15 25.52 -28.24
N PRO A 158 7.88 25.57 -28.69
CA PRO A 158 7.38 24.58 -29.67
C PRO A 158 7.76 24.90 -31.12
N ASN A 159 7.63 23.89 -31.99
CA ASN A 159 8.11 23.95 -33.38
C ASN A 159 9.51 24.54 -33.52
N TRP A 160 10.39 24.11 -32.62
CA TRP A 160 11.75 24.61 -32.52
C TRP A 160 12.71 23.48 -32.82
N LEU A 161 12.55 22.34 -32.15
CA LEU A 161 13.37 21.16 -32.40
C LEU A 161 13.00 20.55 -33.75
N ARG A 162 14.03 20.25 -34.56
CA ARG A 162 13.81 19.55 -35.83
C ARG A 162 13.92 18.03 -35.71
N SER A 163 14.38 17.54 -34.56
CA SER A 163 14.61 16.12 -34.35
C SER A 163 13.30 15.34 -34.28
N GLU A 164 13.34 14.10 -34.78
CA GLU A 164 12.19 13.19 -34.79
C GLU A 164 12.31 12.14 -33.68
N ILE A 165 13.46 12.14 -33.00
CA ILE A 165 13.77 11.20 -31.91
C ILE A 165 14.43 11.99 -30.78
N LEU A 166 14.02 11.71 -29.55
CA LEU A 166 14.62 12.32 -28.36
C LEU A 166 15.15 11.21 -27.48
N ILE A 167 16.41 11.35 -27.08
CA ILE A 167 16.99 10.44 -26.10
C ILE A 167 17.24 11.26 -24.85
N ASN A 168 16.38 11.06 -23.86
CA ASN A 168 16.54 11.68 -22.55
C ASN A 168 17.63 10.90 -21.82
N THR A 169 18.54 11.61 -21.16
CA THR A 169 19.72 10.99 -20.56
C THR A 169 19.66 10.98 -19.03
N ASP A 170 18.44 11.12 -18.49
CA ASP A 170 18.28 11.44 -17.07
C ASP A 170 17.95 10.22 -16.22
N THR A 171 17.99 9.04 -16.85
CA THR A 171 17.88 7.78 -16.14
C THR A 171 19.20 7.45 -15.43
N GLU A 172 19.10 6.70 -14.34
CA GLU A 172 20.21 6.56 -13.41
C GLU A 172 20.48 5.11 -13.00
N GLU A 173 20.26 4.18 -13.93
CA GLU A 173 20.53 2.77 -13.69
C GLU A 173 21.01 2.06 -14.94
N ASN A 174 22.20 1.48 -14.88
CA ASN A 174 22.72 0.67 -15.97
C ASN A 174 21.78 -0.46 -16.33
N GLY A 175 21.73 -0.77 -17.61
CA GLY A 175 20.96 -1.89 -18.09
C GLY A 175 19.47 -1.72 -17.97
N GLU A 176 19.02 -0.48 -17.79
CA GLU A 176 17.61 -0.17 -17.69
C GLU A 176 17.22 0.91 -18.68
N ILE A 177 16.12 0.67 -19.39
CA ILE A 177 15.56 1.60 -20.35
C ILE A 177 14.22 2.05 -19.79
N TYR A 178 14.02 3.35 -19.60
CA TYR A 178 12.75 3.86 -19.11
C TYR A 178 11.92 4.42 -20.26
N ILE A 179 10.65 4.05 -20.29
CA ILE A 179 9.71 4.49 -21.33
C ILE A 179 8.50 5.25 -20.77
N GLY A 180 8.55 5.57 -19.48
CA GLY A 180 7.40 6.20 -18.80
C GLY A 180 7.79 6.65 -17.41
N CYS A 181 6.97 7.51 -16.82
CA CYS A 181 7.27 8.08 -15.50
C CYS A 181 6.07 8.76 -14.85
N ALA A 182 6.24 9.09 -13.57
CA ALA A 182 5.19 9.69 -12.77
C ALA A 182 5.09 11.17 -13.08
N GLY A 183 3.88 11.69 -13.05
CA GLY A 183 3.68 13.14 -12.94
C GLY A 183 3.68 13.47 -11.46
N GLY A 184 3.64 14.77 -11.14
CA GLY A 184 3.72 15.19 -9.75
C GLY A 184 2.99 16.50 -9.48
N GLU A 185 2.74 16.79 -8.21
CA GLU A 185 2.15 18.05 -7.79
C GLU A 185 2.51 18.31 -6.36
N ASN A 186 2.97 19.54 -6.08
CA ASN A 186 3.24 20.01 -4.72
C ASN A 186 1.91 20.27 -3.97
N ALA A 187 1.81 19.77 -2.75
CA ALA A 187 0.66 20.03 -1.88
C ALA A 187 1.18 20.55 -0.55
N ASP A 188 0.76 21.77 -0.17
CA ASP A 188 1.13 22.33 1.13
C ASP A 188 -0.16 22.39 1.95
N LEU A 189 -0.17 21.83 3.15
CA LEU A 189 -1.31 21.97 4.07
C LEU A 189 -0.92 22.92 5.19
N GLU A 190 -1.67 24.01 5.37
CA GLU A 190 -1.52 24.86 6.53
CA GLU A 190 -1.54 24.90 6.54
C GLU A 190 -2.65 24.62 7.56
N LEU A 191 -2.25 24.41 8.80
CA LEU A 191 -3.15 24.29 9.94
C LEU A 191 -2.91 25.45 10.91
N PRO A 192 -3.95 26.21 11.25
CA PRO A 192 -3.84 27.28 12.22
C PRO A 192 -3.32 26.89 13.61
N ILE A 193 -2.53 27.78 14.22
CA ILE A 193 -2.05 27.68 15.61
C ILE A 193 -2.82 28.74 16.44
N GLU A 194 -3.29 28.37 17.63
CA GLU A 194 -3.76 29.32 18.62
C GLU A 194 -2.83 29.04 19.78
N TYR A 195 -2.38 30.10 20.44
CA TYR A 195 -1.49 29.97 21.58
C TYR A 195 -2.15 30.32 22.92
N GLN A 196 -1.44 29.97 23.99
CA GLN A 196 -1.85 30.20 25.38
C GLN A 196 -0.56 30.60 26.10
N VAL A 197 -0.67 31.32 27.22
CA VAL A 197 0.50 31.61 28.04
C VAL A 197 0.92 30.28 28.66
N ASN A 198 2.23 30.02 28.62
CA ASN A 198 2.76 28.78 29.14
C ASN A 198 2.85 28.82 30.66
N ASN A 199 2.03 28.01 31.32
CA ASN A 199 2.17 27.84 32.76
C ASN A 199 2.33 26.35 33.18
N PHE A 200 2.83 25.51 32.26
CA PHE A 200 3.17 24.10 32.56
C PHE A 200 4.56 23.97 33.25
N GLU A 201 4.74 22.94 34.08
CA GLU A 201 5.96 22.76 34.90
C GLU A 201 7.25 22.44 34.12
N HIS A 202 7.12 21.71 33.01
CA HIS A 202 8.29 21.21 32.27
C HIS A 202 8.22 21.43 30.78
N CYS A 203 9.39 21.36 30.15
CA CYS A 203 9.52 21.40 28.70
C CYS A 203 10.62 20.43 28.23
N TYR A 204 10.22 19.35 27.55
CA TYR A 204 11.13 18.42 26.88
C TYR A 204 10.78 18.24 25.42
N GLN A 205 11.81 17.96 24.62
CA GLN A 205 11.64 17.63 23.22
C GLN A 205 11.72 16.14 23.04
N VAL A 206 10.80 15.61 22.25
CA VAL A 206 10.84 14.23 21.82
C VAL A 206 11.56 14.28 20.47
N VAL A 207 12.77 13.73 20.42
CA VAL A 207 13.62 13.80 19.21
C VAL A 207 13.67 12.41 18.59
N LEU A 208 13.23 12.30 17.35
CA LEU A 208 13.39 11.07 16.57
C LEU A 208 14.44 11.34 15.50
N LYS A 209 15.52 10.54 15.49
CA LYS A 209 16.57 10.63 14.47
C LYS A 209 16.90 9.24 13.98
N GLY A 210 17.84 9.16 13.02
CA GLY A 210 18.46 7.89 12.68
C GLY A 210 17.76 7.02 11.66
N LEU A 211 16.67 7.53 11.06
CA LEU A 211 15.97 6.82 9.99
C LEU A 211 16.77 6.85 8.70
N ARG A 212 16.42 5.96 7.77
CA ARG A 212 17.16 5.81 6.51
C ARG A 212 17.02 7.01 5.57
N GLY A 213 15.79 7.47 5.40
CA GLY A 213 15.51 8.45 4.37
C GLY A 213 15.42 7.77 3.02
N GLY A 214 15.56 8.56 1.96
CA GLY A 214 15.43 8.06 0.60
C GLY A 214 14.75 9.06 -0.31
N HIS A 215 14.58 8.68 -1.57
CA HIS A 215 13.93 9.51 -2.57
C HIS A 215 12.45 9.19 -2.50
N SER A 216 11.60 10.21 -2.43
CA SER A 216 10.18 10.00 -2.13
C SER A 216 9.41 9.39 -3.29
N GLY A 217 10.06 9.28 -4.44
CA GLY A 217 9.48 8.58 -5.58
C GLY A 217 9.97 7.17 -5.69
N VAL A 218 11.23 7.02 -6.11
CA VAL A 218 11.85 5.71 -6.33
C VAL A 218 11.90 4.79 -5.09
N ASP A 219 11.90 5.36 -3.88
CA ASP A 219 11.97 4.55 -2.64
C ASP A 219 10.64 4.38 -1.88
N ILE A 220 9.55 4.90 -2.41
CA ILE A 220 8.27 4.91 -1.69
C ILE A 220 7.64 3.51 -1.62
N HIS A 221 8.04 2.64 -2.55
CA HIS A 221 7.54 1.26 -2.57
C HIS A 221 8.16 0.45 -1.46
N THR A 222 9.27 0.91 -0.92
CA THR A 222 9.94 0.20 0.17
C THR A 222 9.18 0.34 1.48
N GLY A 223 9.65 -0.38 2.49
CA GLY A 223 9.12 -0.27 3.84
C GLY A 223 9.85 0.77 4.67
N ARG A 224 10.38 1.82 4.04
CA ARG A 224 11.05 2.88 4.78
C ARG A 224 9.99 3.70 5.50
N ALA A 225 10.34 4.16 6.69
CA ALA A 225 9.44 4.94 7.52
C ALA A 225 9.67 6.39 7.26
N ASN A 226 8.75 7.21 7.75
CA ASN A 226 8.80 8.66 7.60
C ASN A 226 8.90 9.27 9.02
N ALA A 227 9.98 10.00 9.28
CA ALA A 227 10.27 10.49 10.64
C ALA A 227 9.12 11.34 11.20
N ILE A 228 8.51 12.14 10.32
CA ILE A 228 7.40 13.00 10.73
C ILE A 228 6.22 12.12 11.11
N LYS A 229 5.85 11.20 10.25
CA LYS A 229 4.71 10.33 10.50
C LYS A 229 4.84 9.43 11.74
N VAL A 230 6.07 8.99 12.03
CA VAL A 230 6.32 8.10 13.18
C VAL A 230 6.13 8.89 14.49
N LEU A 231 6.70 10.09 14.56
CA LEU A 231 6.48 11.00 15.69
C LEU A 231 4.99 11.29 15.88
N LEU A 232 4.29 11.60 14.79
CA LEU A 232 2.89 11.93 14.91
C LEU A 232 2.15 10.75 15.50
N ARG A 233 2.56 9.54 15.11
CA ARG A 233 1.94 8.31 15.60
C ARG A 233 2.11 8.18 17.10
N PHE A 234 3.31 8.47 17.58
CA PHE A 234 3.58 8.43 19.00
C PHE A 234 2.70 9.44 19.71
N LEU A 235 2.76 10.68 19.23
CA LEU A 235 2.05 11.78 19.87
C LEU A 235 0.56 11.49 19.93
N ALA A 236 0.00 10.95 18.86
CA ALA A 236 -1.42 10.61 18.83
C ALA A 236 -1.80 9.57 19.86
N GLU A 237 -1.01 8.51 19.94
CA GLU A 237 -1.26 7.36 20.84
C GLU A 237 -1.15 7.84 22.29
N LEU A 238 -0.15 8.64 22.55
CA LEU A 238 0.03 9.25 23.86
C LEU A 238 -1.20 10.01 24.35
N GLN A 239 -1.85 10.72 23.43
CA GLN A 239 -2.93 11.64 23.77
C GLN A 239 -4.22 10.83 23.87
N GLN A 240 -4.35 9.82 23.02
CA GLN A 240 -5.48 8.93 23.10
C GLN A 240 -5.42 8.05 24.35
N ASN A 241 -4.24 7.59 24.71
CA ASN A 241 -4.12 6.57 25.74
C ASN A 241 -3.76 7.08 27.10
N GLN A 242 -3.23 8.30 27.18
CA GLN A 242 -2.76 8.85 28.45
C GLN A 242 -3.52 10.11 28.78
N PRO A 243 -4.85 10.00 28.95
CA PRO A 243 -5.68 11.20 29.13
C PRO A 243 -5.27 12.05 30.33
N HIS A 244 -4.65 11.43 31.33
CA HIS A 244 -4.21 12.16 32.53
C HIS A 244 -2.81 12.74 32.38
N PHE A 245 -2.16 12.54 31.24
CA PHE A 245 -0.90 13.21 30.98
C PHE A 245 -1.18 14.60 30.40
N ASP A 246 -1.10 15.62 31.26
CA ASP A 246 -1.45 16.99 30.90
C ASP A 246 -0.32 17.65 30.10
N PHE A 247 -0.46 17.73 28.78
CA PHE A 247 0.57 18.37 27.96
C PHE A 247 -0.04 19.19 26.83
N THR A 248 0.81 20.00 26.21
CA THR A 248 0.47 20.65 24.96
C THR A 248 1.75 20.79 24.13
N LEU A 249 1.61 20.87 22.81
CA LEU A 249 2.77 21.16 21.96
C LEU A 249 3.24 22.58 22.12
N ALA A 250 4.54 22.77 22.02
CA ALA A 250 5.12 24.10 21.96
C ALA A 250 5.53 24.43 20.55
N ASN A 251 6.01 23.41 19.83
CA ASN A 251 6.26 23.48 18.41
C ASN A 251 6.59 22.11 17.82
N ILE A 252 6.62 22.01 16.50
CA ILE A 252 6.76 20.71 15.87
C ILE A 252 7.30 20.82 14.46
N ARG A 253 8.37 20.07 14.21
CA ARG A 253 9.07 20.13 12.92
C ARG A 253 9.62 18.78 12.49
N GLY A 254 10.00 18.68 11.23
CA GLY A 254 10.67 17.51 10.72
C GLY A 254 11.16 17.68 9.32
N GLY A 255 12.07 16.83 8.91
CA GLY A 255 12.51 16.75 7.53
C GLY A 255 13.30 17.94 7.06
N SER A 256 13.69 17.88 5.80
CA SER A 256 14.45 18.97 5.19
CA SER A 256 14.51 18.91 5.14
C SER A 256 13.87 19.43 3.85
N ILE A 257 13.53 18.50 2.96
CA ILE A 257 13.14 18.80 1.58
C ILE A 257 11.96 17.93 1.12
N ARG A 258 11.10 18.54 0.31
CA ARG A 258 9.82 17.98 -0.10
C ARG A 258 9.88 16.54 -0.64
N ASN A 259 10.87 16.26 -1.49
CA ASN A 259 10.94 14.95 -2.16
C ASN A 259 11.95 13.98 -1.54
N ALA A 260 12.46 14.30 -0.34
CA ALA A 260 13.26 13.38 0.46
C ALA A 260 12.40 12.82 1.61
N ILE A 261 12.53 11.51 1.84
CA ILE A 261 11.85 10.87 2.97
C ILE A 261 12.53 11.38 4.25
N PRO A 262 11.76 11.94 5.20
CA PRO A 262 12.35 12.56 6.39
C PRO A 262 13.03 11.56 7.30
N ARG A 263 14.18 11.97 7.82
CA ARG A 263 15.02 11.12 8.67
C ARG A 263 15.06 11.58 10.11
N GLU A 264 14.64 12.82 10.37
CA GLU A 264 14.59 13.39 11.72
C GLU A 264 13.30 14.18 11.87
N SER A 265 12.82 14.27 13.10
CA SER A 265 11.69 15.13 13.50
C SER A 265 11.80 15.45 14.99
N VAL A 266 11.22 16.56 15.41
CA VAL A 266 11.22 16.96 16.82
C VAL A 266 9.86 17.56 17.15
N ALA A 267 9.29 17.13 18.26
CA ALA A 267 8.22 17.87 18.92
C ALA A 267 8.76 18.44 20.25
N THR A 268 8.51 19.73 20.52
CA THR A 268 8.68 20.29 21.85
C THR A 268 7.34 20.20 22.60
N LEU A 269 7.37 19.57 23.76
CA LEU A 269 6.18 19.39 24.59
C LEU A 269 6.38 20.15 25.88
N VAL A 270 5.33 20.81 26.36
CA VAL A 270 5.33 21.30 27.73
C VAL A 270 4.26 20.48 28.48
N PHE A 271 4.50 20.20 29.76
CA PHE A 271 3.63 19.30 30.52
C PHE A 271 3.77 19.47 32.02
N ASN A 272 2.78 18.95 32.72
CA ASN A 272 2.77 18.91 34.17
C ASN A 272 3.04 17.50 34.67
N GLY A 273 3.44 17.40 35.93
CA GLY A 273 3.66 16.11 36.55
C GLY A 273 5.02 15.55 36.21
N ASP A 274 5.22 14.29 36.61
CA ASP A 274 6.51 13.63 36.55
C ASP A 274 7.00 13.44 35.13
N ILE A 275 8.27 13.75 34.92
CA ILE A 275 8.92 13.55 33.63
C ILE A 275 8.96 12.08 33.23
N THR A 276 8.93 11.19 34.23
CA THR A 276 9.01 9.76 34.00
C THR A 276 7.78 9.23 33.26
N VAL A 277 6.63 9.90 33.38
CA VAL A 277 5.45 9.47 32.63
C VAL A 277 5.73 9.55 31.12
N LEU A 278 6.36 10.62 30.68
CA LEU A 278 6.71 10.81 29.27
C LEU A 278 7.91 9.94 28.86
N GLN A 279 8.84 9.74 29.78
CA GLN A 279 9.96 8.84 29.53
C GLN A 279 9.43 7.45 29.21
N SER A 280 8.54 6.98 30.07
CA SER A 280 7.93 5.67 29.91
C SER A 280 7.17 5.57 28.58
N ALA A 281 6.34 6.57 28.26
CA ALA A 281 5.52 6.50 27.03
C ALA A 281 6.39 6.42 25.76
N VAL A 282 7.47 7.20 25.73
CA VAL A 282 8.44 7.13 24.64
C VAL A 282 9.12 5.75 24.61
N GLN A 283 9.65 5.32 25.75
CA GLN A 283 10.36 4.05 25.83
C GLN A 283 9.51 2.89 25.30
N LYS A 284 8.24 2.83 25.72
CA LYS A 284 7.34 1.77 25.28
C LYS A 284 7.06 1.84 23.78
N PHE A 285 6.97 3.06 23.26
CA PHE A 285 6.70 3.25 21.85
C PHE A 285 7.94 2.96 21.02
N ALA A 286 9.09 3.42 21.50
CA ALA A 286 10.37 3.16 20.86
C ALA A 286 10.61 1.67 20.75
N ASP A 287 10.24 0.92 21.79
CA ASP A 287 10.40 -0.54 21.77
C ASP A 287 9.46 -1.22 20.79
N VAL A 288 8.23 -0.72 20.69
CA VAL A 288 7.24 -1.25 19.75
C VAL A 288 7.70 -1.07 18.31
N ILE A 289 8.12 0.15 18.01
CA ILE A 289 8.48 0.54 16.65
C ILE A 289 9.79 -0.16 16.21
N LYS A 290 10.73 -0.31 17.15
CA LYS A 290 11.97 -1.05 16.90
C LYS A 290 11.68 -2.50 16.51
N ALA A 291 10.68 -3.10 17.15
CA ALA A 291 10.22 -4.44 16.80
C ALA A 291 9.56 -4.48 15.43
N GLU A 292 8.72 -3.49 15.12
CA GLU A 292 8.04 -3.41 13.82
C GLU A 292 8.99 -3.18 12.65
N LEU A 293 10.03 -2.39 12.85
CA LEU A 293 10.90 -1.96 11.77
C LEU A 293 12.30 -2.56 11.85
N ALA A 294 12.46 -3.60 12.67
CA ALA A 294 13.71 -4.34 12.85
C ALA A 294 14.64 -4.28 11.64
N LEU A 295 14.19 -4.89 10.54
CA LEU A 295 14.96 -4.99 9.31
C LEU A 295 15.12 -3.62 8.63
N THR A 296 14.03 -2.88 8.52
CA THR A 296 14.00 -1.69 7.69
C THR A 296 14.70 -0.45 8.29
N GLU A 297 14.67 -0.31 9.61
CA GLU A 297 15.20 0.92 10.23
C GLU A 297 16.01 0.60 11.47
N PRO A 298 17.24 0.11 11.28
CA PRO A 298 18.09 -0.31 12.39
C PRO A 298 18.66 0.82 13.24
N ASN A 299 18.70 2.04 12.73
CA ASN A 299 19.33 3.16 13.46
C ASN A 299 18.37 4.16 14.09
N LEU A 300 17.07 3.87 14.05
CA LEU A 300 16.05 4.74 14.61
C LEU A 300 16.27 4.93 16.11
N ILE A 301 16.43 6.16 16.57
CA ILE A 301 16.59 6.46 17.99
C ILE A 301 15.66 7.58 18.48
N PHE A 302 14.84 7.28 19.47
CA PHE A 302 14.06 8.30 20.18
C PHE A 302 14.88 8.78 21.36
N THR A 303 15.04 10.09 21.51
CA THR A 303 15.60 10.67 22.71
C THR A 303 14.61 11.68 23.30
N LEU A 304 14.90 12.11 24.52
CA LEU A 304 14.01 12.97 25.28
C LEU A 304 14.87 14.02 25.95
N GLU A 305 14.85 15.24 25.42
CA GLU A 305 15.84 16.26 25.72
C GLU A 305 15.22 17.53 26.31
N LYS A 306 15.63 17.85 27.54
CA LYS A 306 15.16 19.02 28.25
C LYS A 306 15.54 20.28 27.48
N VAL A 307 14.60 21.22 27.42
CA VAL A 307 14.78 22.41 26.63
C VAL A 307 14.17 23.59 27.40
N GLU A 308 14.53 24.80 26.97
CA GLU A 308 14.10 26.01 27.65
C GLU A 308 12.60 26.25 27.49
N LYS A 309 11.97 26.70 28.56
CA LYS A 309 10.53 26.84 28.60
C LYS A 309 10.09 28.07 27.83
N PRO A 310 9.26 27.89 26.80
CA PRO A 310 8.80 29.05 26.04
C PRO A 310 7.75 29.85 26.80
N GLN A 311 7.58 31.10 26.41
CA GLN A 311 6.60 31.99 27.03
C GLN A 311 5.19 31.56 26.59
N GLN A 312 5.05 31.25 25.30
CA GLN A 312 3.75 30.82 24.73
C GLN A 312 3.83 29.44 24.07
N VAL A 313 2.70 28.73 24.12
CA VAL A 313 2.60 27.37 23.57
C VAL A 313 1.26 27.22 22.93
N PHE A 314 1.05 26.11 22.23
CA PHE A 314 -0.19 25.88 21.51
C PHE A 314 -1.26 25.71 22.57
N SER A 315 -2.50 26.02 22.19
CA SER A 315 -3.64 25.65 23.02
C SER A 315 -3.86 24.13 22.95
N SER A 316 -4.61 23.57 23.89
CA SER A 316 -4.81 22.11 23.89
C SER A 316 -5.66 21.71 22.73
N GLN A 317 -6.74 22.45 22.45
CA GLN A 317 -7.54 22.21 21.24
C GLN A 317 -6.71 22.24 19.98
N CYS A 318 -5.81 23.21 19.89
CA CYS A 318 -4.89 23.28 18.78
C CYS A 318 -3.95 22.06 18.75
N THR A 319 -3.27 21.79 19.87
CA THR A 319 -2.41 20.61 19.98
C THR A 319 -3.16 19.35 19.48
N LYS A 320 -4.41 19.15 19.92
CA LYS A 320 -5.21 17.99 19.51
C LYS A 320 -5.59 17.97 18.05
N ASN A 321 -5.96 19.13 17.51
CA ASN A 321 -6.25 19.22 16.08
C ASN A 321 -4.99 18.92 15.32
N ILE A 322 -3.86 19.52 15.66
CA ILE A 322 -2.71 19.29 14.78
C ILE A 322 -2.12 17.86 14.93
N ILE A 323 -2.21 17.27 16.11
CA ILE A 323 -1.68 15.93 16.35
C ILE A 323 -2.50 14.91 15.55
N HIS A 324 -3.80 15.10 15.52
CA HIS A 324 -4.71 14.12 14.92
C HIS A 324 -4.90 14.24 13.39
N CYS A 325 -5.00 15.46 12.89
CA CYS A 325 -4.84 15.74 11.46
C CYS A 325 -3.61 15.06 10.86
N LEU A 326 -2.46 15.27 11.47
CA LEU A 326 -1.22 14.84 10.86
C LEU A 326 -0.91 13.36 11.12
N ASN A 327 -1.66 12.72 12.02
CA ASN A 327 -1.57 11.26 12.19
C ASN A 327 -2.37 10.56 11.10
N VAL A 328 -3.58 11.07 10.86
CA VAL A 328 -4.45 10.59 9.78
C VAL A 328 -3.91 10.85 8.38
N LEU A 329 -3.22 11.97 8.21
CA LEU A 329 -2.67 12.39 6.92
C LEU A 329 -2.12 11.22 6.12
N PRO A 330 -2.73 10.94 4.95
CA PRO A 330 -2.25 9.93 4.00
C PRO A 330 -0.77 10.14 3.70
N ASN A 331 0.00 9.06 3.75
CA ASN A 331 1.42 9.08 3.37
C ASN A 331 1.78 7.73 2.74
N GLY A 332 2.65 7.75 1.75
CA GLY A 332 3.15 6.53 1.12
C GLY A 332 2.33 6.06 -0.07
N VAL A 333 2.37 4.76 -0.32
CA VAL A 333 1.74 4.20 -1.48
C VAL A 333 0.26 4.31 -1.28
N VAL A 334 -0.38 4.98 -2.22
CA VAL A 334 -1.83 5.06 -2.29
C VAL A 334 -2.32 3.94 -3.17
N ARG A 335 -1.61 3.67 -4.26
CA ARG A 335 -2.01 2.60 -5.17
C ARG A 335 -0.87 2.06 -6.03
N ASN A 336 -0.79 0.74 -6.11
CA ASN A 336 0.12 0.05 -7.02
C ASN A 336 -0.54 -0.15 -8.40
N SER A 337 0.25 -0.11 -9.46
CA SER A 337 -0.30 -0.29 -10.80
C SER A 337 -0.86 -1.70 -11.02
N ASP A 338 -1.95 -1.78 -11.77
CA ASP A 338 -2.49 -3.07 -12.23
C ASP A 338 -1.99 -3.40 -13.63
N VAL A 339 -1.83 -2.37 -14.44
CA VAL A 339 -1.47 -2.52 -15.83
C VAL A 339 0.03 -2.74 -16.01
N ILE A 340 0.83 -2.27 -15.06
CA ILE A 340 2.28 -2.41 -15.13
C ILE A 340 2.79 -3.20 -13.93
N GLU A 341 3.79 -4.03 -14.16
CA GLU A 341 4.30 -4.93 -13.14
C GLU A 341 5.24 -4.19 -12.18
N ASN A 342 5.01 -4.38 -10.89
CA ASN A 342 5.94 -3.94 -9.86
C ASN A 342 6.29 -2.43 -9.90
N VAL A 343 5.28 -1.61 -10.21
CA VAL A 343 5.46 -0.16 -10.25
C VAL A 343 4.34 0.50 -9.42
N VAL A 344 4.70 1.43 -8.55
CA VAL A 344 3.70 2.20 -7.80
C VAL A 344 3.00 3.16 -8.75
N GLU A 345 1.66 3.14 -8.71
CA GLU A 345 0.85 4.01 -9.58
C GLU A 345 0.68 5.42 -9.00
N THR A 346 0.38 5.49 -7.69
CA THR A 346 0.10 6.76 -7.01
C THR A 346 0.62 6.70 -5.59
N SER A 347 1.27 7.78 -5.17
CA SER A 347 1.81 7.93 -3.82
C SER A 347 1.78 9.38 -3.40
N LEU A 348 2.13 9.62 -2.14
CA LEU A 348 2.52 10.97 -1.69
C LEU A 348 3.51 10.85 -0.55
N SER A 349 4.23 11.92 -0.26
CA SER A 349 5.14 11.89 0.85
C SER A 349 5.26 13.27 1.48
N ILE A 350 5.15 13.32 2.80
CA ILE A 350 5.35 14.56 3.50
C ILE A 350 6.81 14.65 3.79
N GLY A 351 7.45 15.69 3.24
CA GLY A 351 8.90 15.84 3.31
C GLY A 351 9.38 16.86 4.33
N VAL A 352 8.57 17.89 4.61
CA VAL A 352 8.95 18.90 5.61
C VAL A 352 7.75 19.22 6.49
N LEU A 353 8.00 19.47 7.78
CA LEU A 353 6.98 19.98 8.68
C LEU A 353 7.65 21.13 9.42
N LYS A 354 6.95 22.24 9.55
CA LYS A 354 7.49 23.41 10.21
C LYS A 354 6.36 24.15 10.92
N THR A 355 6.71 24.69 12.08
CA THR A 355 5.89 25.56 12.89
C THR A 355 6.26 26.99 12.52
N GLU A 356 5.32 27.74 11.96
CA GLU A 356 5.58 29.14 11.66
C GLU A 356 4.74 30.04 12.56
N ASP A 357 4.76 31.35 12.33
CA ASP A 357 3.88 32.22 13.07
C ASP A 357 2.46 31.86 12.69
N ASN A 358 1.70 31.40 13.66
CA ASN A 358 0.28 31.18 13.51
C ASN A 358 -0.16 30.03 12.59
N PHE A 359 0.77 29.27 12.00
CA PHE A 359 0.42 28.09 11.21
C PHE A 359 1.45 26.99 11.36
N VAL A 360 0.97 25.75 11.25
CA VAL A 360 1.84 24.59 11.07
C VAL A 360 1.76 24.18 9.59
N ARG A 361 2.93 24.11 8.97
CA ARG A 361 3.02 23.86 7.53
C ARG A 361 3.60 22.49 7.21
N SER A 362 2.90 21.79 6.33
CA SER A 362 3.25 20.47 5.89
C SER A 362 3.45 20.55 4.40
N THR A 363 4.55 19.96 3.95
CA THR A 363 5.10 20.20 2.64
C THR A 363 5.22 18.84 1.99
N LEU A 365 4.88 16.16 -1.69
CA LEU A 365 4.84 15.91 -3.12
C LEU A 365 3.87 14.76 -3.38
N VAL A 366 2.87 15.00 -4.22
CA VAL A 366 1.96 13.96 -4.70
C VAL A 366 2.49 13.50 -6.04
N ARG A 367 2.51 12.17 -6.24
CA ARG A 367 2.94 11.55 -7.50
C ARG A 367 1.91 10.56 -8.03
N SER A 368 1.71 10.54 -9.34
CA SER A 368 0.95 9.47 -9.98
C SER A 368 1.41 9.31 -11.43
N LEU A 369 1.21 8.12 -11.99
CA LEU A 369 1.44 7.88 -13.41
C LEU A 369 0.27 8.45 -14.21
N ILE A 370 -0.87 8.63 -13.56
CA ILE A 370 -2.10 9.14 -14.20
C ILE A 370 -2.60 10.42 -13.54
N GLU A 371 -3.21 11.31 -14.32
CA GLU A 371 -3.65 12.61 -13.78
C GLU A 371 -4.71 12.45 -12.67
N SER A 372 -5.64 11.52 -12.87
CA SER A 372 -6.74 11.32 -11.94
C SER A 372 -6.32 10.70 -10.59
N GLY A 373 -5.12 10.13 -10.54
CA GLY A 373 -4.56 9.65 -9.29
C GLY A 373 -4.07 10.82 -8.45
N LYS A 374 -3.40 11.78 -9.10
CA LYS A 374 -2.99 13.02 -8.45
C LYS A 374 -4.18 13.78 -7.87
N SER A 375 -5.24 13.91 -8.68
CA SER A 375 -6.41 14.67 -8.28
C SER A 375 -7.18 13.99 -7.16
N TYR A 376 -7.18 12.67 -7.15
CA TYR A 376 -7.75 11.90 -6.03
C TYR A 376 -7.02 12.21 -4.75
N VAL A 377 -5.70 12.09 -4.76
CA VAL A 377 -4.91 12.39 -3.56
C VAL A 377 -5.18 13.84 -3.14
N ALA A 378 -5.25 14.75 -4.11
CA ALA A 378 -5.59 16.15 -3.84
C ALA A 378 -6.94 16.24 -3.13
N SER A 379 -7.92 15.48 -3.60
CA SER A 379 -9.20 15.47 -2.98
C SER A 379 -9.11 15.01 -1.54
N LEU A 380 -8.41 13.90 -1.30
CA LEU A 380 -8.20 13.36 0.06
C LEU A 380 -7.69 14.42 1.00
N LEU A 381 -6.62 15.07 0.58
CA LEU A 381 -6.00 16.13 1.34
C LEU A 381 -6.94 17.30 1.64
N LYS A 382 -7.73 17.71 0.66
CA LYS A 382 -8.75 18.76 0.84
C LYS A 382 -9.93 18.37 1.73
N SER A 383 -10.19 17.07 1.82
CA SER A 383 -11.15 16.55 2.79
C SER A 383 -10.49 16.64 4.21
N LEU A 384 -9.28 16.14 4.32
CA LEU A 384 -8.60 16.28 5.61
C LEU A 384 -8.69 17.72 6.06
N ALA A 385 -8.30 18.65 5.20
CA ALA A 385 -8.09 20.06 5.61
C ALA A 385 -9.43 20.68 6.04
N SER A 386 -10.49 20.24 5.42
CA SER A 386 -11.82 20.64 5.79
CA SER A 386 -11.79 20.68 5.82
C SER A 386 -12.08 20.24 7.25
N LEU A 387 -11.84 18.97 7.56
CA LEU A 387 -12.10 18.45 8.90
C LEU A 387 -11.27 19.18 9.97
N ALA A 388 -10.03 19.45 9.60
CA ALA A 388 -9.05 20.08 10.47
C ALA A 388 -9.10 21.60 10.42
N GLN A 389 -9.99 22.16 9.61
CA GLN A 389 -10.07 23.60 9.42
C GLN A 389 -8.70 24.21 9.09
N GLY A 390 -8.01 23.61 8.12
CA GLY A 390 -6.91 24.22 7.44
C GLY A 390 -7.14 24.35 5.95
N ASN A 391 -6.04 24.53 5.23
CA ASN A 391 -6.03 24.88 3.82
C ASN A 391 -4.95 24.13 3.06
N ILE A 392 -5.32 23.67 1.86
CA ILE A 392 -4.39 23.04 0.91
C ILE A 392 -4.04 24.05 -0.18
N ASN A 393 -2.75 24.24 -0.43
CA ASN A 393 -2.29 24.96 -1.61
C ASN A 393 -1.62 24.02 -2.59
N LEU A 394 -2.08 23.98 -3.85
CA LEU A 394 -1.51 23.11 -4.89
C LEU A 394 -0.66 23.94 -5.84
N SER A 395 0.44 23.37 -6.33
CA SER A 395 1.37 24.09 -7.19
C SER A 395 2.33 23.09 -7.81
N GLY A 396 3.07 23.54 -8.82
CA GLY A 396 4.06 22.70 -9.45
C GLY A 396 3.50 21.43 -10.05
N ASP A 397 2.32 21.50 -10.66
CA ASP A 397 1.76 20.33 -11.33
C ASP A 397 2.51 19.99 -12.61
N TYR A 398 2.91 18.73 -12.79
CA TYR A 398 3.49 18.27 -14.06
C TYR A 398 2.98 16.90 -14.49
N PRO A 399 2.83 16.71 -15.82
CA PRO A 399 2.27 15.48 -16.33
C PRO A 399 3.23 14.33 -16.31
N GLY A 400 2.69 13.12 -16.31
CA GLY A 400 3.50 11.93 -16.34
C GLY A 400 3.85 11.64 -17.76
N TRP A 401 4.66 10.60 -17.95
CA TRP A 401 5.08 10.13 -19.25
C TRP A 401 4.48 8.75 -19.49
N GLU A 402 3.52 8.71 -20.41
CA GLU A 402 2.78 7.50 -20.65
C GLU A 402 3.50 6.76 -21.76
N PRO A 403 3.88 5.50 -21.52
CA PRO A 403 4.54 4.70 -22.55
C PRO A 403 3.83 4.76 -23.90
N GLN A 404 4.59 4.89 -24.98
CA GLN A 404 4.04 4.95 -26.32
C GLN A 404 3.46 3.58 -26.69
N SER A 405 2.43 3.57 -27.53
CA SER A 405 1.90 2.29 -28.04
C SER A 405 3.01 1.55 -28.81
N HIS A 406 3.80 2.27 -29.60
CA HIS A 406 5.00 1.69 -30.19
C HIS A 406 6.15 2.70 -30.27
N SER A 407 7.38 2.19 -30.26
CA SER A 407 8.57 3.04 -30.35
C SER A 407 9.73 2.35 -31.06
N ASP A 408 10.08 2.85 -32.25
CA ASP A 408 11.21 2.33 -33.01
C ASP A 408 12.56 2.59 -32.33
N ILE A 409 12.68 3.72 -31.63
CA ILE A 409 13.92 4.03 -30.93
C ILE A 409 14.13 3.10 -29.74
N LEU A 410 13.04 2.63 -29.14
CA LEU A 410 13.14 1.63 -28.07
C LEU A 410 13.71 0.35 -28.64
N ASP A 411 13.13 -0.13 -29.74
CA ASP A 411 13.62 -1.35 -30.40
C ASP A 411 15.13 -1.30 -30.63
N LEU A 412 15.59 -0.23 -31.25
CA LEU A 412 17.02 0.00 -31.48
C LEU A 412 17.79 0.08 -30.16
N THR A 413 17.26 0.84 -29.21
CA THR A 413 17.87 0.94 -27.88
C THR A 413 18.00 -0.44 -27.25
N LYS A 414 16.94 -1.24 -27.37
CA LYS A 414 16.89 -2.61 -26.85
C LYS A 414 17.99 -3.50 -27.45
N THR A 415 18.12 -3.40 -28.77
CA THR A 415 19.12 -4.17 -29.51
C THR A 415 20.53 -3.78 -29.08
N ILE A 416 20.84 -2.49 -29.14
CA ILE A 416 22.19 -2.04 -28.84
C ILE A 416 22.57 -2.41 -27.42
N TYR A 417 21.66 -2.19 -26.47
CA TYR A 417 21.95 -2.44 -25.07
C TYR A 417 22.21 -3.93 -24.83
N ALA A 418 21.43 -4.79 -25.48
CA ALA A 418 21.63 -6.24 -25.40
C ALA A 418 22.99 -6.68 -25.99
N GLN A 419 23.40 -6.03 -27.08
CA GLN A 419 24.71 -6.29 -27.66
C GLN A 419 25.81 -5.85 -26.71
N VAL A 420 25.69 -4.66 -26.12
CA VAL A 420 26.74 -4.12 -25.28
C VAL A 420 26.83 -4.88 -23.96
N LEU A 421 25.68 -5.23 -23.38
CA LEU A 421 25.65 -5.90 -22.09
C LEU A 421 25.91 -7.40 -22.22
N GLY A 422 25.34 -8.02 -23.25
CA GLY A 422 25.36 -9.48 -23.39
C GLY A 422 24.04 -10.10 -22.95
N THR A 423 23.41 -9.52 -21.92
CA THR A 423 22.06 -9.89 -21.51
C THR A 423 21.08 -8.80 -21.93
N ASP A 424 19.80 -9.15 -21.96
CA ASP A 424 18.76 -8.19 -22.29
C ASP A 424 18.65 -7.12 -21.19
N PRO A 425 18.33 -5.88 -21.59
CA PRO A 425 18.07 -4.83 -20.62
C PRO A 425 16.66 -4.94 -20.08
N GLU A 426 16.41 -4.26 -18.96
CA GLU A 426 15.06 -4.15 -18.40
C GLU A 426 14.38 -2.91 -18.97
N ILE A 427 13.14 -3.07 -19.42
CA ILE A 427 12.34 -1.95 -19.90
C ILE A 427 11.26 -1.64 -18.86
N LYS A 428 11.34 -0.45 -18.27
CA LYS A 428 10.50 -0.07 -17.12
C LYS A 428 9.85 1.30 -17.27
N VAL A 429 8.85 1.55 -16.42
CA VAL A 429 8.38 2.92 -16.15
C VAL A 429 8.69 3.18 -14.67
N ILE A 430 9.19 4.39 -14.39
CA ILE A 430 9.72 4.72 -13.07
C ILE A 430 8.77 5.63 -12.26
N HIS A 431 8.68 5.40 -10.95
CA HIS A 431 7.85 6.25 -10.10
C HIS A 431 8.69 7.43 -9.62
N ALA A 432 9.03 8.29 -10.57
CA ALA A 432 9.75 9.51 -10.28
C ALA A 432 9.54 10.46 -11.46
N GLY A 433 9.91 11.72 -11.28
CA GLY A 433 9.73 12.72 -12.33
C GLY A 433 10.85 12.76 -13.35
N LEU A 434 10.49 12.55 -14.63
CA LEU A 434 11.37 12.90 -15.75
C LEU A 434 10.69 14.01 -16.55
N GLU A 435 11.46 14.68 -17.41
CA GLU A 435 10.94 15.80 -18.18
C GLU A 435 10.14 15.33 -19.38
N CYS A 436 10.22 14.03 -19.68
CA CYS A 436 9.67 13.47 -20.92
C CYS A 436 8.18 13.66 -21.09
N GLY A 437 7.45 13.67 -19.97
CA GLY A 437 6.01 13.94 -19.98
C GLY A 437 5.76 15.31 -20.54
N LEU A 438 6.48 16.30 -20.01
CA LEU A 438 6.38 17.68 -20.48
C LEU A 438 6.87 17.84 -21.92
N LEU A 439 7.97 17.20 -22.27
CA LEU A 439 8.52 17.35 -23.62
C LEU A 439 7.59 16.71 -24.66
N LYS A 440 7.11 15.51 -24.36
CA LYS A 440 6.15 14.82 -25.22
C LYS A 440 4.85 15.64 -25.32
N LYS A 441 4.51 16.37 -24.26
CA LYS A 441 3.37 17.30 -24.27
C LYS A 441 3.54 18.29 -25.43
N ILE A 442 4.72 18.88 -25.50
CA ILE A 442 5.02 19.95 -26.46
C ILE A 442 5.40 19.40 -27.82
N TYR A 443 5.97 18.19 -27.85
CA TYR A 443 6.40 17.55 -29.09
C TYR A 443 5.83 16.14 -29.21
N PRO A 444 4.52 16.03 -29.46
CA PRO A 444 3.84 14.73 -29.52
C PRO A 444 4.41 13.74 -30.54
N THR A 445 4.89 14.24 -31.67
CA THR A 445 5.33 13.36 -32.74
C THR A 445 6.76 12.82 -32.59
N ILE A 446 7.50 13.30 -31.59
CA ILE A 446 8.87 12.83 -31.37
C ILE A 446 8.86 11.50 -30.64
N ASP A 447 9.69 10.58 -31.09
CA ASP A 447 9.84 9.26 -30.48
C ASP A 447 10.83 9.40 -29.32
N VAL A 449 12.73 8.16 -25.48
CA VAL A 449 13.20 7.10 -24.58
C VAL A 449 14.22 7.70 -23.61
N SER A 450 14.41 7.03 -22.48
CA SER A 450 15.31 7.51 -21.43
C SER A 450 16.30 6.43 -21.04
N ILE A 451 17.57 6.79 -20.99
CA ILE A 451 18.63 5.89 -20.53
C ILE A 451 19.66 6.69 -19.72
N GLY A 452 20.57 6.00 -19.08
CA GLY A 452 21.63 6.69 -18.38
C GLY A 452 22.40 5.75 -17.49
N PRO A 453 23.58 6.22 -17.03
CA PRO A 453 24.47 5.38 -16.24
C PRO A 453 24.02 5.29 -14.79
N THR A 454 24.52 4.28 -14.08
CA THR A 454 24.13 4.08 -12.69
C THR A 454 24.60 5.26 -11.84
N ILE A 455 23.63 5.95 -11.26
CA ILE A 455 23.91 7.00 -10.28
C ILE A 455 23.11 6.67 -9.01
N ARG A 456 23.78 6.75 -7.86
CA ARG A 456 23.16 6.45 -6.58
C ARG A 456 23.03 7.71 -5.74
N ASN A 457 21.94 7.77 -4.97
CA ASN A 457 21.77 8.79 -3.93
C ASN A 457 21.84 10.20 -4.49
N ALA A 458 21.23 10.40 -5.66
CA ALA A 458 21.11 11.73 -6.24
C ALA A 458 20.28 12.60 -5.30
N HIS A 459 20.60 13.89 -5.25
CA HIS A 459 20.00 14.83 -4.28
C HIS A 459 20.66 14.75 -2.88
N SER A 460 21.12 13.55 -2.50
CA SER A 460 21.90 13.36 -1.27
C SER A 460 23.36 13.72 -1.51
N PRO A 461 24.03 14.34 -0.50
CA PRO A 461 25.49 14.53 -0.59
C PRO A 461 26.29 13.22 -0.67
N ASP A 462 25.59 12.08 -0.64
CA ASP A 462 26.18 10.77 -0.90
C ASP A 462 26.15 10.42 -2.39
N GLU A 463 25.81 11.39 -3.25
CA GLU A 463 25.68 11.14 -4.68
C GLU A 463 26.97 10.60 -5.27
N LYS A 464 26.85 9.53 -6.04
CA LYS A 464 28.01 8.86 -6.64
C LYS A 464 27.62 8.26 -8.00
N VAL A 465 28.57 8.22 -8.93
CA VAL A 465 28.34 7.64 -10.26
C VAL A 465 29.34 6.51 -10.52
N HIS A 466 28.82 5.38 -11.00
CA HIS A 466 29.59 4.16 -11.23
C HIS A 466 30.35 4.27 -12.57
N ILE A 467 31.68 4.31 -12.49
CA ILE A 467 32.52 4.62 -13.66
C ILE A 467 32.37 3.66 -14.83
N PRO A 468 32.39 2.34 -14.57
CA PRO A 468 32.24 1.42 -15.71
C PRO A 468 30.84 1.48 -16.34
N ALA A 469 29.85 1.95 -15.57
CA ALA A 469 28.50 2.17 -16.08
C ALA A 469 28.49 3.32 -17.09
N VAL A 470 29.25 4.37 -16.79
CA VAL A 470 29.35 5.53 -17.68
C VAL A 470 30.03 5.13 -18.99
N GLU A 471 30.95 4.17 -18.92
CA GLU A 471 31.60 3.65 -20.11
C GLU A 471 30.64 2.76 -20.92
N THR A 472 29.82 1.95 -20.24
CA THR A 472 28.80 1.14 -20.89
C THR A 472 27.72 2.02 -21.52
N TYR A 473 27.28 3.02 -20.77
CA TYR A 473 26.33 4.03 -21.27
C TYR A 473 26.86 4.69 -22.54
N TRP A 474 28.14 5.05 -22.55
CA TRP A 474 28.75 5.66 -23.73
C TRP A 474 28.63 4.76 -24.96
N LYS A 475 28.88 3.47 -24.77
CA LYS A 475 28.83 2.51 -25.87
C LYS A 475 27.41 2.32 -26.39
N VAL A 476 26.44 2.34 -25.48
CA VAL A 476 25.03 2.24 -25.86
C VAL A 476 24.61 3.51 -26.62
N LEU A 477 24.95 4.67 -26.07
CA LEU A 477 24.60 5.93 -26.72
C LEU A 477 25.20 5.98 -28.11
N THR A 478 26.51 5.80 -28.21
CA THR A 478 27.17 5.89 -29.50
C THR A 478 26.69 4.80 -30.48
N GLY A 479 26.43 3.60 -29.96
CA GLY A 479 25.89 2.50 -30.78
C GLY A 479 24.53 2.82 -31.39
N ILE A 480 23.65 3.43 -30.61
CA ILE A 480 22.34 3.88 -31.08
C ILE A 480 22.51 4.95 -32.15
N LEU A 481 23.30 5.96 -31.83
CA LEU A 481 23.53 7.05 -32.76
C LEU A 481 24.07 6.53 -34.09
N ALA A 482 24.94 5.51 -34.04
CA ALA A 482 25.53 4.90 -35.23
C ALA A 482 24.51 4.15 -36.09
N HIS A 483 23.38 3.72 -35.51
CA HIS A 483 22.45 2.85 -36.23
C HIS A 483 21.04 3.39 -36.42
N ILE A 484 20.85 4.69 -36.23
CA ILE A 484 19.52 5.27 -36.37
C ILE A 484 19.07 5.14 -37.84
N PRO A 485 17.82 4.68 -38.07
CA PRO A 485 17.42 4.32 -39.42
C PRO A 485 17.08 5.48 -40.34
N SER A 486 16.80 5.16 -41.59
CA SER A 486 16.51 6.15 -42.61
C SER A 486 15.15 6.80 -42.38
N ARG A 487 15.00 8.03 -42.86
CA ARG A 487 13.76 8.78 -42.70
C ARG A 487 12.53 8.07 -43.28
N LEU B 8 -18.50 -41.62 -3.91
CA LEU B 8 -17.30 -40.75 -4.08
C LEU B 8 -16.22 -41.07 -3.04
N GLN B 9 -14.98 -41.26 -3.50
CA GLN B 9 -13.86 -41.66 -2.63
C GLN B 9 -13.06 -40.43 -2.17
N PRO B 10 -12.51 -40.47 -0.93
CA PRO B 10 -12.55 -41.54 0.06
C PRO B 10 -13.89 -41.66 0.78
N LYS B 11 -14.48 -42.86 0.72
CA LYS B 11 -15.82 -43.12 1.24
C LYS B 11 -16.08 -42.45 2.59
N LEU B 12 -15.29 -42.81 3.60
CA LEU B 12 -15.55 -42.36 4.98
C LEU B 12 -15.63 -40.84 5.14
N LEU B 13 -14.70 -40.12 4.50
CA LEU B 13 -14.71 -38.66 4.54
C LEU B 13 -15.99 -38.09 3.94
N TRP B 14 -16.35 -38.60 2.76
CA TRP B 14 -17.48 -38.05 2.00
C TRP B 14 -18.85 -38.45 2.55
N GLN B 15 -18.94 -39.67 3.07
CA GLN B 15 -20.15 -40.09 3.80
C GLN B 15 -20.35 -39.22 5.03
N TRP B 16 -19.26 -38.85 5.69
CA TRP B 16 -19.31 -37.91 6.81
C TRP B 16 -19.73 -36.51 6.37
N PHE B 17 -19.17 -36.03 5.27
CA PHE B 17 -19.54 -34.71 4.74
C PHE B 17 -21.02 -34.70 4.34
N ASP B 18 -21.45 -35.73 3.62
CA ASP B 18 -22.85 -35.87 3.25
C ASP B 18 -23.72 -35.76 4.52
N GLN B 19 -23.30 -36.43 5.58
CA GLN B 19 -24.00 -36.38 6.86
C GLN B 19 -23.95 -34.98 7.49
N ILE B 20 -22.78 -34.35 7.43
CA ILE B 20 -22.59 -33.00 7.96
C ILE B 20 -23.54 -32.01 7.29
N CYS B 21 -23.68 -32.13 5.96
CA CYS B 21 -24.62 -31.30 5.19
C CYS B 21 -26.09 -31.52 5.60
N ALA B 22 -26.46 -32.77 5.88
CA ALA B 22 -27.83 -33.12 6.23
C ALA B 22 -28.31 -32.44 7.50
N ILE B 23 -27.41 -32.29 8.49
CA ILE B 23 -27.72 -31.61 9.74
C ILE B 23 -27.53 -30.10 9.61
N PRO B 24 -28.62 -29.31 9.69
CA PRO B 24 -28.39 -27.87 9.62
C PRO B 24 -27.44 -27.43 10.75
N HIS B 25 -26.40 -26.68 10.38
CA HIS B 25 -25.34 -26.30 11.31
C HIS B 25 -24.77 -24.91 11.09
N PRO B 26 -25.64 -23.89 10.86
CA PRO B 26 -25.14 -22.51 10.71
C PRO B 26 -24.52 -21.94 12.00
N SER B 27 -23.92 -20.77 11.88
CA SER B 27 -23.01 -20.26 12.91
C SER B 27 -23.61 -19.89 14.28
N TYR B 28 -24.85 -20.28 14.56
CA TYR B 28 -25.35 -20.31 15.94
C TYR B 28 -26.34 -21.48 16.24
N LYS B 29 -26.50 -22.39 15.27
CA LYS B 29 -27.35 -23.56 15.44
C LYS B 29 -26.51 -24.84 15.36
N GLU B 30 -25.44 -24.87 16.14
CA GLU B 30 -24.43 -25.95 16.10
C GLU B 30 -24.78 -27.17 16.94
N GLU B 31 -25.88 -27.08 17.68
CA GLU B 31 -26.20 -28.07 18.70
C GLU B 31 -26.49 -29.45 18.10
N GLN B 32 -27.36 -29.49 17.10
CA GLN B 32 -27.78 -30.76 16.49
C GLN B 32 -26.59 -31.56 15.94
N LEU B 33 -25.69 -30.88 15.24
CA LEU B 33 -24.47 -31.52 14.72
C LEU B 33 -23.57 -31.95 15.88
N ALA B 34 -23.38 -31.03 16.83
CA ALA B 34 -22.55 -31.28 18.02
C ALA B 34 -23.01 -32.51 18.81
N GLN B 35 -24.33 -32.64 18.99
CA GLN B 35 -24.89 -33.77 19.72
C GLN B 35 -24.82 -35.07 18.92
N PHE B 36 -25.09 -34.99 17.62
CA PHE B 36 -25.02 -36.15 16.74
C PHE B 36 -23.62 -36.80 16.77
N ILE B 37 -22.60 -35.94 16.69
CA ILE B 37 -21.20 -36.34 16.69
C ILE B 37 -20.79 -36.97 18.04
N ILE B 38 -21.23 -36.37 19.15
CA ILE B 38 -20.97 -36.91 20.48
C ILE B 38 -21.58 -38.30 20.59
N ASN B 39 -22.85 -38.43 20.22
CA ASN B 39 -23.58 -39.72 20.26
CA ASN B 39 -23.55 -39.70 20.30
C ASN B 39 -22.86 -40.78 19.46
N TRP B 40 -22.48 -40.43 18.24
CA TRP B 40 -21.80 -41.37 17.35
C TRP B 40 -20.48 -41.85 17.97
N ALA B 41 -19.70 -40.90 18.50
CA ALA B 41 -18.45 -41.22 19.17
C ALA B 41 -18.64 -42.25 20.30
N LYS B 42 -19.66 -42.04 21.13
CA LYS B 42 -19.93 -42.93 22.26
C LYS B 42 -20.32 -44.34 21.83
N THR B 43 -21.05 -44.46 20.71
CA THR B 43 -21.43 -45.79 20.18
C THR B 43 -20.21 -46.59 19.67
N LYS B 44 -19.11 -45.89 19.40
CA LYS B 44 -17.84 -46.51 19.03
C LYS B 44 -16.95 -46.75 20.25
N GLY B 45 -17.38 -46.30 21.42
CA GLY B 45 -16.62 -46.44 22.64
C GLY B 45 -15.55 -45.38 22.82
N PHE B 46 -15.65 -44.28 22.05
CA PHE B 46 -14.74 -43.14 22.20
C PHE B 46 -15.18 -42.24 23.36
N PHE B 47 -14.21 -41.82 24.17
CA PHE B 47 -14.36 -40.65 25.03
C PHE B 47 -14.90 -39.46 24.22
N ALA B 48 -15.94 -38.82 24.74
CA ALA B 48 -16.55 -37.66 24.09
C ALA B 48 -17.04 -36.69 25.16
N GLU B 49 -16.59 -35.45 25.05
CA GLU B 49 -16.84 -34.40 26.04
C GLU B 49 -17.06 -33.05 25.33
N ARG B 50 -17.72 -32.14 26.03
CA ARG B 50 -17.88 -30.75 25.60
C ARG B 50 -17.47 -29.84 26.76
N ASP B 51 -16.77 -28.74 26.46
CA ASP B 51 -16.38 -27.80 27.51
C ASP B 51 -17.53 -26.83 27.79
N GLU B 52 -17.33 -25.98 28.80
CA GLU B 52 -18.33 -25.00 29.22
C GLU B 52 -18.87 -24.21 28.01
N VAL B 53 -17.95 -23.77 27.15
CA VAL B 53 -18.26 -23.02 25.94
C VAL B 53 -18.92 -23.86 24.83
N GLY B 54 -18.77 -25.18 24.91
CA GLY B 54 -19.45 -26.13 24.03
C GLY B 54 -18.58 -26.75 22.94
N ASN B 55 -17.27 -26.62 23.07
CA ASN B 55 -16.36 -27.25 22.12
C ASN B 55 -16.37 -28.78 22.29
N VAL B 56 -16.52 -29.52 21.19
CA VAL B 56 -16.51 -30.99 21.22
C VAL B 56 -15.09 -31.56 21.21
N LEU B 57 -14.81 -32.46 22.15
CA LEU B 57 -13.53 -33.18 22.20
C LEU B 57 -13.80 -34.67 22.21
N ILE B 58 -13.29 -35.38 21.21
CA ILE B 58 -13.33 -36.83 21.16
C ILE B 58 -11.91 -37.36 21.26
N ARG B 59 -11.75 -38.53 21.88
CA ARG B 59 -10.44 -39.20 21.95
C ARG B 59 -10.52 -40.64 21.45
N LYS B 60 -9.41 -41.10 20.86
CA LYS B 60 -9.27 -42.49 20.39
C LYS B 60 -7.83 -42.94 20.62
N PRO B 61 -7.63 -44.19 21.08
CA PRO B 61 -6.25 -44.59 21.38
C PRO B 61 -5.40 -44.80 20.12
N ALA B 62 -4.07 -44.86 20.33
CA ALA B 62 -3.13 -45.14 19.25
C ALA B 62 -3.48 -46.44 18.58
N THR B 63 -3.20 -46.54 17.28
CA THR B 63 -3.34 -47.81 16.58
C THR B 63 -2.15 -48.70 16.96
N VAL B 64 -2.29 -49.99 16.72
CA VAL B 64 -1.29 -50.94 17.13
C VAL B 64 0.04 -50.57 16.48
N GLY B 65 1.09 -50.46 17.29
CA GLY B 65 2.42 -50.06 16.84
C GLY B 65 2.65 -48.56 16.91
N GLU B 67 1.97 -46.57 19.65
CA GLU B 67 1.64 -46.21 21.03
C GLU B 67 2.63 -45.27 21.71
N ASN B 68 3.89 -45.27 21.28
CA ASN B 68 4.91 -44.42 21.89
C ASN B 68 5.11 -43.12 21.13
N ARG B 69 4.08 -42.71 20.38
CA ARG B 69 4.20 -41.61 19.46
C ARG B 69 3.36 -40.45 19.91
N LYS B 70 3.76 -39.25 19.50
CA LYS B 70 3.21 -38.05 20.08
C LYS B 70 1.69 -37.97 19.79
N PRO B 71 0.87 -37.68 20.82
CA PRO B 71 -0.58 -37.53 20.61
C PRO B 71 -0.94 -36.35 19.72
N VAL B 72 -1.99 -36.51 18.93
CA VAL B 72 -2.36 -35.53 17.93
C VAL B 72 -3.84 -35.18 17.96
N VAL B 73 -4.11 -33.88 17.90
CA VAL B 73 -5.46 -33.38 17.75
C VAL B 73 -5.61 -32.80 16.34
N LEU B 74 -6.66 -33.27 15.67
CA LEU B 74 -7.11 -32.71 14.43
C LEU B 74 -8.21 -31.75 14.85
N GLN B 75 -8.10 -30.48 14.44
CA GLN B 75 -9.05 -29.43 14.85
C GLN B 75 -9.76 -28.86 13.64
N ALA B 76 -11.06 -28.71 13.77
CA ALA B 76 -11.91 -28.12 12.74
C ALA B 76 -13.01 -27.36 13.43
N HIS B 77 -13.65 -26.38 12.77
CA HIS B 77 -14.79 -25.70 13.40
C HIS B 77 -16.14 -26.29 12.96
N LEU B 78 -17.05 -26.34 13.94
CA LEU B 78 -18.38 -26.96 13.79
C LEU B 78 -19.27 -26.24 12.79
N ASP B 79 -19.19 -24.91 12.82
CA ASP B 79 -20.15 -24.03 12.15
C ASP B 79 -19.77 -23.61 10.74
N VAL B 81 -20.90 -20.44 7.62
CA VAL B 81 -21.58 -19.16 7.30
C VAL B 81 -22.86 -19.42 6.51
N PRO B 82 -23.99 -18.83 6.95
CA PRO B 82 -25.28 -19.01 6.27
C PRO B 82 -25.53 -18.10 5.04
N GLN B 83 -24.74 -17.03 4.88
CA GLN B 83 -24.86 -16.15 3.71
C GLN B 83 -24.51 -16.87 2.41
N GLN B 94 -31.37 -22.37 9.22
CA GLN B 94 -31.78 -23.44 10.13
C GLN B 94 -32.53 -24.59 9.42
N ASP B 95 -32.54 -24.56 8.09
CA ASP B 95 -33.06 -25.67 7.26
C ASP B 95 -31.89 -26.32 6.50
N PRO B 96 -32.02 -27.61 6.11
CA PRO B 96 -30.85 -28.42 5.68
C PRO B 96 -30.15 -27.96 4.38
N ILE B 97 -28.95 -28.50 4.14
CA ILE B 97 -28.16 -28.18 2.93
C ILE B 97 -28.31 -29.25 1.86
N LEU B 98 -28.45 -28.81 0.61
CA LEU B 98 -28.61 -29.71 -0.55
C LEU B 98 -27.41 -29.57 -1.49
N PRO B 99 -26.41 -30.48 -1.37
CA PRO B 99 -25.24 -30.48 -2.23
C PRO B 99 -25.34 -31.39 -3.48
N TYR B 100 -24.41 -31.22 -4.42
CA TYR B 100 -24.36 -32.04 -5.64
C TYR B 100 -22.96 -32.01 -6.24
N ILE B 101 -22.62 -33.04 -7.03
CA ILE B 101 -21.34 -33.09 -7.74
C ILE B 101 -21.46 -32.38 -9.09
N ASP B 102 -20.66 -31.32 -9.28
CA ASP B 102 -20.67 -30.55 -10.54
C ASP B 102 -19.84 -31.28 -11.61
N GLY B 103 -18.52 -31.15 -11.55
CA GLY B 103 -17.61 -31.89 -12.41
C GLY B 103 -16.55 -32.54 -11.55
N ASP B 104 -15.49 -31.78 -11.28
CA ASP B 104 -14.49 -32.14 -10.27
C ASP B 104 -14.72 -31.28 -9.02
N TRP B 105 -15.94 -30.79 -8.86
CA TRP B 105 -16.29 -29.87 -7.79
C TRP B 105 -17.59 -30.29 -7.11
N VAL B 106 -17.82 -29.75 -5.91
CA VAL B 106 -19.07 -29.96 -5.17
C VAL B 106 -19.57 -28.60 -4.65
N LYS B 107 -20.89 -28.39 -4.75
CA LYS B 107 -21.49 -27.11 -4.35
C LYS B 107 -22.91 -27.30 -3.81
N ALA B 108 -23.36 -26.35 -2.99
CA ALA B 108 -24.71 -26.37 -2.42
C ALA B 108 -25.68 -25.72 -3.40
N LYS B 109 -26.90 -26.26 -3.47
CA LYS B 109 -27.92 -25.73 -4.36
C LYS B 109 -28.36 -24.34 -3.89
N GLY B 110 -27.74 -23.30 -4.44
CA GLY B 110 -28.13 -21.91 -4.19
C GLY B 110 -27.82 -21.36 -2.81
N THR B 111 -26.71 -21.82 -2.22
CA THR B 111 -26.35 -21.44 -0.85
C THR B 111 -24.88 -21.80 -0.56
N THR B 112 -24.39 -21.38 0.60
CA THR B 112 -23.06 -21.80 1.05
C THR B 112 -23.05 -23.31 1.31
N LEU B 113 -21.99 -23.97 0.82
CA LEU B 113 -21.88 -25.43 0.89
C LEU B 113 -21.59 -25.93 2.31
N GLY B 114 -20.59 -25.32 2.94
CA GLY B 114 -20.09 -25.77 4.24
C GLY B 114 -18.83 -26.63 4.12
N ALA B 115 -18.19 -26.60 2.95
CA ALA B 115 -16.87 -27.23 2.77
C ALA B 115 -15.88 -26.60 3.75
N ASP B 116 -16.06 -25.29 3.98
CA ASP B 116 -15.43 -24.59 5.10
C ASP B 116 -16.38 -24.66 6.31
N ASN B 117 -16.05 -25.41 7.36
CA ASN B 117 -14.85 -26.23 7.52
C ASN B 117 -15.26 -27.72 7.60
N GLY B 118 -16.29 -28.08 6.84
CA GLY B 118 -16.92 -29.39 6.95
C GLY B 118 -16.10 -30.53 6.39
N ILE B 119 -15.24 -30.26 5.41
CA ILE B 119 -14.38 -31.30 4.81
C ILE B 119 -13.24 -31.69 5.77
N GLY B 120 -12.63 -30.67 6.37
CA GLY B 120 -11.66 -30.87 7.43
C GLY B 120 -12.29 -31.69 8.53
N ALA B 122 -15.01 -33.62 8.46
CA ALA B 122 -15.31 -34.97 7.98
C ALA B 122 -14.07 -35.83 7.97
N SER B 123 -12.93 -35.25 7.61
CA SER B 123 -11.70 -36.03 7.53
C SER B 123 -11.23 -36.47 8.92
N ALA B 124 -11.47 -35.62 9.92
CA ALA B 124 -11.10 -35.91 11.29
C ALA B 124 -11.97 -37.06 11.81
N LEU B 125 -13.25 -37.06 11.44
CA LEU B 125 -14.16 -38.12 11.86
C LEU B 125 -13.92 -39.40 11.06
N ALA B 126 -13.55 -39.26 9.79
CA ALA B 126 -13.18 -40.41 8.95
C ALA B 126 -12.04 -41.23 9.58
N VAL B 127 -11.02 -40.52 10.06
CA VAL B 127 -9.93 -41.14 10.77
C VAL B 127 -10.45 -41.86 12.01
N LEU B 128 -11.29 -41.17 12.79
CA LEU B 128 -11.85 -41.75 14.02
C LEU B 128 -12.60 -43.05 13.72
N GLU B 129 -13.41 -43.01 12.67
CA GLU B 129 -14.24 -44.14 12.26
C GLU B 129 -13.43 -45.35 11.78
N SER B 130 -12.28 -45.09 11.18
CA SER B 130 -11.52 -46.12 10.48
C SER B 130 -10.81 -47.11 11.38
N ASN B 131 -10.49 -48.27 10.81
CA ASN B 131 -9.79 -49.32 11.51
C ASN B 131 -8.51 -49.81 10.81
N ASP B 132 -8.11 -49.10 9.74
CA ASP B 132 -6.94 -49.43 8.93
C ASP B 132 -6.08 -48.19 8.62
N ILE B 133 -6.18 -47.15 9.44
CA ILE B 133 -5.31 -45.97 9.32
C ILE B 133 -4.45 -45.88 10.58
N ALA B 134 -3.13 -45.93 10.39
CA ALA B 134 -2.17 -45.76 11.46
C ALA B 134 -2.21 -44.34 12.01
N HIS B 135 -2.39 -44.22 13.33
CA HIS B 135 -2.33 -42.92 13.98
C HIS B 135 -1.92 -43.05 15.44
N PRO B 136 -1.33 -41.98 15.99
CA PRO B 136 -1.04 -42.03 17.40
C PRO B 136 -2.31 -41.83 18.21
N GLU B 137 -2.14 -41.75 19.53
CA GLU B 137 -3.21 -41.37 20.43
C GLU B 137 -3.89 -40.14 19.84
N LEU B 138 -5.21 -40.18 19.65
CA LEU B 138 -5.88 -39.18 18.82
C LEU B 138 -6.92 -38.35 19.57
N GLU B 139 -6.86 -37.03 19.42
CA GLU B 139 -7.96 -36.15 19.80
C GLU B 139 -8.56 -35.55 18.54
N VAL B 140 -9.86 -35.28 18.61
CA VAL B 140 -10.54 -34.48 17.61
C VAL B 140 -11.26 -33.34 18.32
N LEU B 141 -10.80 -32.11 18.09
CA LEU B 141 -11.39 -30.90 18.71
C LEU B 141 -12.20 -30.16 17.67
N LEU B 142 -13.51 -30.10 17.87
CA LEU B 142 -14.38 -29.37 16.97
C LEU B 142 -14.90 -28.13 17.70
N THR B 143 -14.48 -26.95 17.24
CA THR B 143 -14.71 -25.70 17.98
C THR B 143 -16.05 -25.03 17.66
N THR B 145 -18.46 -21.71 16.94
CA THR B 145 -18.66 -20.32 16.54
C THR B 145 -17.39 -19.63 16.06
N GLU B 146 -16.59 -20.33 15.26
CA GLU B 146 -15.39 -19.75 14.65
C GLU B 146 -15.72 -18.54 13.80
N GLU B 147 -16.87 -18.63 13.13
CA GLU B 147 -17.22 -17.75 12.03
C GLU B 147 -17.91 -16.45 12.50
N ARG B 148 -18.15 -16.36 13.80
CA ARG B 148 -18.78 -15.20 14.41
C ARG B 148 -18.05 -14.87 15.72
N GLY B 149 -16.82 -14.39 15.60
CA GLY B 149 -16.02 -13.99 16.76
C GLY B 149 -15.32 -15.12 17.52
N GLU B 151 -15.74 -17.84 19.26
CA GLU B 151 -16.08 -17.96 20.67
C GLU B 151 -15.52 -19.26 21.25
N GLY B 152 -15.59 -20.33 20.48
CA GLY B 152 -14.96 -21.61 20.82
C GLY B 152 -13.49 -21.47 21.21
N ALA B 153 -12.69 -20.98 20.26
CA ALA B 153 -11.23 -20.84 20.46
C ALA B 153 -10.90 -19.97 21.69
N ILE B 154 -11.65 -18.88 21.87
CA ILE B 154 -11.45 -17.96 23.00
C ILE B 154 -11.69 -18.65 24.35
N GLY B 155 -12.79 -19.40 24.46
CA GLY B 155 -13.14 -20.06 25.72
C GLY B 155 -12.88 -21.55 25.72
N LEU B 156 -11.81 -21.99 25.06
CA LEU B 156 -11.40 -23.38 25.10
C LEU B 156 -10.81 -23.67 26.48
N ARG B 157 -11.26 -24.76 27.11
CA ARG B 157 -10.72 -25.16 28.39
C ARG B 157 -9.23 -25.44 28.26
N PRO B 158 -8.38 -24.79 29.09
CA PRO B 158 -6.95 -25.15 29.11
C PRO B 158 -6.67 -26.42 29.93
N ASN B 159 -5.46 -26.97 29.79
CA ASN B 159 -5.09 -28.22 30.45
C ASN B 159 -6.14 -29.31 30.22
N TRP B 160 -6.69 -29.34 29.01
CA TRP B 160 -7.78 -30.23 28.64
C TRP B 160 -7.33 -31.20 27.54
N LEU B 161 -6.83 -30.64 26.44
CA LEU B 161 -6.21 -31.42 25.38
C LEU B 161 -4.91 -32.08 25.87
N ARG B 162 -4.77 -33.38 25.64
CA ARG B 162 -3.53 -34.09 25.95
CA ARG B 162 -3.52 -34.07 25.96
C ARG B 162 -2.56 -34.07 24.77
N SER B 163 -3.02 -33.60 23.61
CA SER B 163 -2.20 -33.63 22.41
C SER B 163 -1.00 -32.69 22.47
N GLU B 164 0.09 -33.15 21.85
CA GLU B 164 1.33 -32.37 21.70
C GLU B 164 1.38 -31.68 20.33
N ILE B 165 0.52 -32.11 19.40
CA ILE B 165 0.48 -31.60 18.03
C ILE B 165 -0.97 -31.31 17.63
N LEU B 166 -1.18 -30.18 16.96
CA LEU B 166 -2.50 -29.83 16.45
C LEU B 166 -2.41 -29.61 14.95
N ILE B 167 -3.33 -30.25 14.21
CA ILE B 167 -3.41 -30.08 12.78
C ILE B 167 -4.72 -29.39 12.55
N ASN B 168 -4.64 -28.09 12.32
CA ASN B 168 -5.79 -27.29 11.94
C ASN B 168 -6.07 -27.59 10.48
N THR B 169 -7.34 -27.84 10.18
CA THR B 169 -7.75 -28.34 8.86
C THR B 169 -8.56 -27.28 8.11
N ASP B 170 -8.28 -26.01 8.41
CA ASP B 170 -9.12 -24.89 7.99
C ASP B 170 -8.50 -24.06 6.86
N THR B 171 -7.33 -24.48 6.37
CA THR B 171 -6.72 -23.95 5.16
C THR B 171 -7.49 -24.47 3.93
N GLU B 172 -7.49 -23.66 2.87
CA GLU B 172 -8.35 -23.88 1.71
C GLU B 172 -7.61 -23.81 0.36
N GLU B 173 -6.38 -24.34 0.31
CA GLU B 173 -5.60 -24.39 -0.94
C GLU B 173 -4.64 -25.57 -0.99
N ASN B 174 -4.89 -26.49 -1.92
CA ASN B 174 -4.03 -27.65 -2.11
C ASN B 174 -2.59 -27.23 -2.36
N GLY B 175 -1.67 -28.00 -1.81
CA GLY B 175 -0.23 -27.76 -1.97
C GLY B 175 0.33 -26.63 -1.14
N GLU B 176 -0.45 -26.12 -0.19
CA GLU B 176 -0.01 -25.04 0.69
C GLU B 176 -0.19 -25.41 2.17
N ILE B 177 0.82 -25.11 2.97
CA ILE B 177 0.83 -25.36 4.41
C ILE B 177 0.90 -23.99 5.10
N TYR B 178 -0.12 -23.63 5.86
CA TYR B 178 -0.07 -22.34 6.56
C TYR B 178 0.55 -22.51 7.94
N ILE B 179 1.45 -21.59 8.29
CA ILE B 179 2.11 -21.60 9.60
C ILE B 179 1.85 -20.32 10.41
N GLY B 180 0.92 -19.50 9.93
CA GLY B 180 0.64 -18.21 10.52
C GLY B 180 -0.59 -17.55 9.92
N CYS B 181 -1.09 -16.53 10.60
CA CYS B 181 -2.25 -15.79 10.13
C CYS B 181 -2.39 -14.46 10.85
N ALA B 182 -3.32 -13.65 10.37
CA ALA B 182 -3.54 -12.33 10.90
C ALA B 182 -4.52 -12.42 12.06
N GLY B 183 -4.35 -11.52 13.03
CA GLY B 183 -5.35 -11.26 14.05
C GLY B 183 -6.29 -10.20 13.50
N GLY B 184 -7.33 -9.90 14.27
CA GLY B 184 -8.38 -9.02 13.81
C GLY B 184 -9.01 -8.23 14.95
N GLU B 185 -9.80 -7.23 14.59
CA GLU B 185 -10.54 -6.40 15.55
C GLU B 185 -11.56 -5.60 14.80
N ASN B 186 -12.79 -5.64 15.29
CA ASN B 186 -13.90 -4.86 14.74
C ASN B 186 -13.77 -3.40 15.17
N ALA B 187 -13.99 -2.46 14.25
CA ALA B 187 -14.03 -1.03 14.58
C ALA B 187 -15.29 -0.46 13.96
N ASP B 188 -16.07 0.26 14.75
CA ASP B 188 -17.31 0.89 14.27
C ASP B 188 -17.15 2.38 14.49
N LEU B 189 -17.35 3.16 13.43
CA LEU B 189 -17.31 4.64 13.52
C LEU B 189 -18.73 5.14 13.43
N GLU B 190 -19.17 5.90 14.44
CA GLU B 190 -20.46 6.60 14.38
C GLU B 190 -20.17 8.08 14.18
N LEU B 191 -20.86 8.68 13.23
CA LEU B 191 -20.82 10.10 12.99
C LEU B 191 -22.21 10.68 13.17
N PRO B 192 -22.37 11.72 14.02
CA PRO B 192 -23.68 12.33 14.24
C PRO B 192 -24.37 12.88 13.02
N ILE B 193 -25.69 12.76 12.96
CA ILE B 193 -26.50 13.35 11.87
C ILE B 193 -27.29 14.50 12.50
N GLU B 194 -27.18 15.69 11.93
CA GLU B 194 -28.10 16.79 12.22
C GLU B 194 -28.92 17.00 10.96
N TYR B 195 -30.25 17.15 11.12
CA TYR B 195 -31.20 17.34 10.00
C TYR B 195 -31.72 18.78 9.91
N GLN B 196 -32.22 19.11 8.72
CA GLN B 196 -32.89 20.37 8.44
C GLN B 196 -34.16 19.96 7.74
N VAL B 197 -35.15 20.85 7.69
CA VAL B 197 -36.36 20.64 6.88
C VAL B 197 -36.01 20.70 5.41
N ASN B 198 -36.56 19.78 4.61
CA ASN B 198 -36.20 19.71 3.19
C ASN B 198 -36.92 20.75 2.35
N ASN B 199 -36.19 21.73 1.84
CA ASN B 199 -36.80 22.68 0.92
C ASN B 199 -36.12 22.68 -0.43
N PHE B 200 -35.54 21.54 -0.80
CA PHE B 200 -34.84 21.40 -2.08
C PHE B 200 -35.77 20.91 -3.18
N GLU B 201 -35.53 21.40 -4.39
CA GLU B 201 -36.35 21.10 -5.56
C GLU B 201 -36.33 19.64 -5.99
N HIS B 202 -35.19 18.96 -5.80
CA HIS B 202 -35.02 17.64 -6.42
C HIS B 202 -34.46 16.61 -5.47
N CYS B 203 -34.75 15.35 -5.76
CA CYS B 203 -34.20 14.21 -5.02
C CYS B 203 -33.84 13.03 -5.93
N TYR B 204 -32.55 12.74 -6.01
CA TYR B 204 -32.02 11.61 -6.77
C TYR B 204 -31.00 10.81 -5.97
N GLN B 205 -30.98 9.51 -6.22
CA GLN B 205 -29.95 8.62 -5.71
C GLN B 205 -28.82 8.44 -6.72
N VAL B 206 -27.60 8.62 -6.26
CA VAL B 206 -26.44 8.18 -7.00
C VAL B 206 -26.21 6.74 -6.58
N VAL B 207 -26.37 5.81 -7.52
CA VAL B 207 -26.31 4.36 -7.24
C VAL B 207 -25.02 3.82 -7.87
N LEU B 208 -24.15 3.21 -7.06
CA LEU B 208 -23.00 2.47 -7.57
C LEU B 208 -23.27 0.98 -7.39
N LYS B 209 -22.96 0.19 -8.44
CA LYS B 209 -23.19 -1.26 -8.43
C LYS B 209 -22.16 -1.97 -9.30
N GLY B 210 -22.14 -3.30 -9.20
CA GLY B 210 -21.40 -4.13 -10.14
C GLY B 210 -19.92 -4.29 -9.87
N LEU B 211 -19.48 -4.03 -8.63
CA LEU B 211 -18.10 -4.31 -8.26
C LEU B 211 -17.92 -5.80 -7.92
N ARG B 212 -16.68 -6.28 -8.07
CA ARG B 212 -16.36 -7.70 -7.86
C ARG B 212 -16.67 -8.14 -6.43
N GLY B 213 -16.19 -7.35 -5.47
CA GLY B 213 -16.26 -7.74 -4.07
C GLY B 213 -15.11 -8.66 -3.75
N GLY B 214 -15.21 -9.35 -2.62
CA GLY B 214 -14.17 -10.25 -2.18
C GLY B 214 -14.18 -10.42 -0.68
N HIS B 215 -13.26 -11.24 -0.18
CA HIS B 215 -13.04 -11.42 1.24
C HIS B 215 -12.05 -10.36 1.69
N SER B 216 -12.39 -9.59 2.72
CA SER B 216 -11.59 -8.41 3.07
C SER B 216 -10.19 -8.70 3.60
N GLY B 217 -9.88 -9.96 3.81
CA GLY B 217 -8.54 -10.37 4.19
C GLY B 217 -7.78 -10.86 2.98
N VAL B 218 -8.15 -12.05 2.50
CA VAL B 218 -7.42 -12.70 1.39
C VAL B 218 -7.37 -11.86 0.08
N ASP B 219 -8.40 -11.05 -0.18
CA ASP B 219 -8.45 -10.20 -1.38
C ASP B 219 -8.02 -8.76 -1.16
N ILE B 220 -7.67 -8.37 0.05
CA ILE B 220 -7.33 -6.97 0.31
C ILE B 220 -6.08 -6.55 -0.49
N HIS B 221 -5.19 -7.50 -0.75
CA HIS B 221 -3.94 -7.22 -1.48
C HIS B 221 -4.20 -6.84 -2.92
N THR B 222 -5.36 -7.22 -3.45
CA THR B 222 -5.65 -7.03 -4.86
C THR B 222 -5.98 -5.58 -5.17
N GLY B 223 -6.09 -5.29 -6.46
CA GLY B 223 -6.48 -3.96 -6.91
C GLY B 223 -7.99 -3.75 -6.86
N ARG B 224 -8.73 -4.66 -6.23
CA ARG B 224 -10.19 -4.56 -6.15
C ARG B 224 -10.58 -3.32 -5.39
N ALA B 225 -11.75 -2.78 -5.73
CA ALA B 225 -12.23 -1.52 -5.21
C ALA B 225 -13.37 -1.73 -4.23
N ASN B 226 -13.50 -0.77 -3.33
CA ASN B 226 -14.52 -0.75 -2.28
C ASN B 226 -15.59 0.24 -2.70
N ALA B 227 -16.81 -0.23 -2.88
CA ALA B 227 -17.90 0.60 -3.40
C ALA B 227 -18.25 1.76 -2.49
N ILE B 228 -18.19 1.55 -1.19
CA ILE B 228 -18.50 2.63 -0.27
C ILE B 228 -17.48 3.74 -0.55
N LYS B 229 -16.20 3.38 -0.53
CA LYS B 229 -15.12 4.35 -0.69
C LYS B 229 -15.08 5.08 -2.04
N VAL B 230 -15.56 4.42 -3.10
CA VAL B 230 -15.58 4.99 -4.47
C VAL B 230 -16.68 6.02 -4.59
N LEU B 231 -17.86 5.72 -4.03
CA LEU B 231 -18.93 6.71 -3.91
C LEU B 231 -18.52 7.97 -3.11
N LEU B 232 -17.85 7.73 -1.99
CA LEU B 232 -17.46 8.82 -1.13
C LEU B 232 -16.46 9.66 -1.90
N ARG B 233 -15.55 9.03 -2.63
CA ARG B 233 -14.63 9.75 -3.55
C ARG B 233 -15.38 10.67 -4.51
N PHE B 234 -16.44 10.16 -5.15
CA PHE B 234 -17.24 11.01 -6.04
C PHE B 234 -17.79 12.21 -5.29
N LEU B 235 -18.50 11.95 -4.20
CA LEU B 235 -19.19 13.00 -3.45
C LEU B 235 -18.23 14.06 -2.92
N ALA B 236 -17.04 13.65 -2.49
CA ALA B 236 -16.07 14.61 -2.02
C ALA B 236 -15.63 15.52 -3.14
N GLU B 237 -15.42 14.95 -4.33
CA GLU B 237 -14.88 15.69 -5.49
C GLU B 237 -15.94 16.69 -5.94
N LEU B 238 -17.17 16.22 -5.95
CA LEU B 238 -18.32 17.02 -6.30
C LEU B 238 -18.48 18.23 -5.40
N GLN B 239 -18.39 18.01 -4.09
CA GLN B 239 -18.56 19.07 -3.08
C GLN B 239 -17.40 20.06 -3.20
N GLN B 240 -16.20 19.52 -3.43
CA GLN B 240 -14.99 20.34 -3.57
C GLN B 240 -14.98 21.17 -4.86
N ASN B 241 -15.32 20.55 -5.98
CA ASN B 241 -15.12 21.19 -7.27
C ASN B 241 -16.31 21.92 -7.82
N GLN B 242 -17.49 21.66 -7.28
CA GLN B 242 -18.73 22.23 -7.79
C GLN B 242 -19.48 22.99 -6.70
N PRO B 243 -18.88 24.08 -6.20
CA PRO B 243 -19.43 24.79 -5.06
C PRO B 243 -20.79 25.40 -5.32
N HIS B 244 -21.12 25.67 -6.58
CA HIS B 244 -22.43 26.21 -6.93
C HIS B 244 -23.50 25.13 -7.12
N PHE B 245 -23.13 23.86 -6.98
CA PHE B 245 -24.12 22.81 -6.95
C PHE B 245 -24.68 22.72 -5.52
N ASP B 246 -25.85 23.29 -5.32
CA ASP B 246 -26.47 23.38 -4.00
C ASP B 246 -27.18 22.06 -3.70
N PHE B 247 -26.59 21.24 -2.84
CA PHE B 247 -27.20 19.98 -2.45
C PHE B 247 -26.89 19.59 -1.01
N THR B 248 -27.59 18.56 -0.54
CA THR B 248 -27.25 17.94 0.72
C THR B 248 -27.67 16.47 0.68
N LEU B 249 -27.01 15.65 1.50
CA LEU B 249 -27.41 14.23 1.62
C LEU B 249 -28.75 14.13 2.30
N ALA B 250 -29.50 13.11 1.91
CA ALA B 250 -30.73 12.72 2.59
C ALA B 250 -30.49 11.42 3.35
N ASN B 251 -29.64 10.57 2.79
CA ASN B 251 -29.11 9.38 3.46
C ASN B 251 -27.98 8.77 2.64
N ILE B 252 -27.32 7.77 3.23
CA ILE B 252 -26.19 7.14 2.56
C ILE B 252 -25.91 5.73 3.12
N ARG B 253 -25.61 4.80 2.23
CA ARG B 253 -25.35 3.44 2.64
C ARG B 253 -24.55 2.68 1.61
N GLY B 254 -24.14 1.48 2.00
CA GLY B 254 -23.42 0.56 1.13
C GLY B 254 -22.95 -0.70 1.84
N GLY B 255 -22.72 -1.74 1.05
CA GLY B 255 -22.18 -2.97 1.57
C GLY B 255 -23.19 -3.81 2.28
N SER B 256 -22.73 -4.94 2.81
CA SER B 256 -23.61 -5.91 3.48
C SER B 256 -23.03 -6.49 4.75
N ILE B 257 -21.75 -6.86 4.71
CA ILE B 257 -21.16 -7.57 5.84
C ILE B 257 -19.72 -7.09 6.07
N ARG B 258 -19.36 -6.98 7.34
CA ARG B 258 -18.12 -6.33 7.78
C ARG B 258 -16.87 -6.83 7.04
N ASN B 259 -16.77 -8.15 6.81
CA ASN B 259 -15.55 -8.74 6.26
C ASN B 259 -15.60 -9.05 4.75
N ALA B 260 -16.70 -8.64 4.11
CA ALA B 260 -16.86 -8.66 2.67
C ALA B 260 -16.61 -7.27 2.09
N ILE B 261 -15.83 -7.20 1.00
CA ILE B 261 -15.63 -5.96 0.23
C ILE B 261 -16.95 -5.52 -0.46
N PRO B 262 -17.43 -4.31 -0.18
CA PRO B 262 -18.75 -3.90 -0.65
C PRO B 262 -18.81 -3.81 -2.15
N ARG B 263 -19.95 -4.20 -2.71
CA ARG B 263 -20.12 -4.28 -4.16
C ARG B 263 -21.13 -3.27 -4.69
N GLU B 264 -21.95 -2.75 -3.78
CA GLU B 264 -23.00 -1.77 -4.06
CA GLU B 264 -22.95 -1.75 -4.09
C GLU B 264 -22.91 -0.67 -3.01
N SER B 265 -23.27 0.56 -3.41
CA SER B 265 -23.42 1.70 -2.48
C SER B 265 -24.43 2.71 -3.06
N VAL B 266 -25.10 3.46 -2.20
CA VAL B 266 -26.10 4.44 -2.64
C VAL B 266 -26.03 5.67 -1.75
N ALA B 267 -26.11 6.86 -2.37
CA ALA B 267 -26.31 8.11 -1.66
C ALA B 267 -27.55 8.82 -2.21
N THR B 268 -28.48 9.19 -1.34
CA THR B 268 -29.64 9.98 -1.74
C THR B 268 -29.31 11.46 -1.55
N LEU B 269 -29.48 12.20 -2.62
CA LEU B 269 -29.12 13.61 -2.69
C LEU B 269 -30.37 14.44 -3.00
N VAL B 270 -30.56 15.53 -2.26
CA VAL B 270 -31.52 16.56 -2.62
C VAL B 270 -30.75 17.80 -3.05
N PHE B 271 -31.25 18.49 -4.08
CA PHE B 271 -30.51 19.60 -4.67
C PHE B 271 -31.43 20.58 -5.38
N ASN B 272 -30.91 21.78 -5.63
CA ASN B 272 -31.59 22.77 -6.47
C ASN B 272 -30.87 22.88 -7.79
N GLY B 273 -31.61 23.32 -8.80
CA GLY B 273 -31.06 23.55 -10.12
C GLY B 273 -31.31 22.36 -11.00
N ASP B 274 -30.75 22.43 -12.21
CA ASP B 274 -30.94 21.39 -13.23
C ASP B 274 -30.33 20.05 -12.84
N ILE B 275 -31.13 18.99 -12.99
CA ILE B 275 -30.66 17.61 -12.79
C ILE B 275 -29.43 17.31 -13.65
N THR B 276 -29.33 17.96 -14.81
CA THR B 276 -28.22 17.72 -15.73
C THR B 276 -26.84 18.02 -15.11
N VAL B 277 -26.79 18.95 -14.16
CA VAL B 277 -25.52 19.27 -13.50
C VAL B 277 -25.03 18.03 -12.74
N LEU B 278 -25.91 17.44 -11.94
CA LEU B 278 -25.60 16.20 -11.24
C LEU B 278 -25.23 15.08 -12.22
N GLN B 279 -26.06 14.92 -13.23
CA GLN B 279 -25.84 13.91 -14.27
C GLN B 279 -24.46 14.01 -14.92
N SER B 280 -24.05 15.23 -15.25
CA SER B 280 -22.76 15.44 -15.87
C SER B 280 -21.62 15.08 -14.91
N ALA B 281 -21.74 15.49 -13.65
CA ALA B 281 -20.73 15.16 -12.64
C ALA B 281 -20.60 13.64 -12.48
N VAL B 282 -21.72 12.94 -12.43
CA VAL B 282 -21.70 11.49 -12.34
C VAL B 282 -20.99 10.87 -13.54
N GLN B 283 -21.35 11.31 -14.73
CA GLN B 283 -20.79 10.82 -15.99
C GLN B 283 -19.28 10.99 -16.08
N LYS B 284 -18.83 12.21 -15.84
CA LYS B 284 -17.40 12.47 -15.91
C LYS B 284 -16.64 11.60 -14.91
N PHE B 285 -17.25 11.36 -13.76
CA PHE B 285 -16.61 10.54 -12.73
C PHE B 285 -16.64 9.07 -13.08
N ALA B 286 -17.79 8.61 -13.56
CA ALA B 286 -17.93 7.27 -14.10
C ALA B 286 -16.85 6.99 -15.15
N ASP B 287 -16.64 7.93 -16.06
CA ASP B 287 -15.66 7.75 -17.13
C ASP B 287 -14.21 7.76 -16.63
N VAL B 288 -13.92 8.59 -15.65
CA VAL B 288 -12.60 8.64 -15.00
C VAL B 288 -12.26 7.30 -14.34
N ILE B 289 -13.23 6.79 -13.57
CA ILE B 289 -13.04 5.62 -12.73
C ILE B 289 -12.91 4.33 -13.57
N LYS B 290 -13.67 4.27 -14.66
CA LYS B 290 -13.57 3.21 -15.66
C LYS B 290 -12.18 3.19 -16.31
N ALA B 291 -11.64 4.35 -16.61
CA ALA B 291 -10.28 4.44 -17.14
C ALA B 291 -9.29 3.87 -16.13
N GLU B 292 -9.43 4.28 -14.86
CA GLU B 292 -8.56 3.80 -13.76
C GLU B 292 -8.66 2.31 -13.47
N LEU B 293 -9.88 1.76 -13.51
CA LEU B 293 -10.11 0.39 -13.06
C LEU B 293 -10.28 -0.63 -14.18
N ALA B 294 -10.68 -0.17 -15.36
CA ALA B 294 -10.63 -0.92 -16.63
C ALA B 294 -10.75 -2.44 -16.50
N LEU B 295 -9.60 -3.09 -16.31
CA LEU B 295 -9.54 -4.56 -16.22
C LEU B 295 -10.01 -5.08 -14.86
N THR B 296 -9.67 -4.35 -13.79
CA THR B 296 -9.96 -4.78 -12.44
C THR B 296 -11.45 -4.73 -12.06
N GLU B 297 -12.20 -3.78 -12.59
CA GLU B 297 -13.62 -3.68 -12.27
C GLU B 297 -14.47 -3.53 -13.52
N PRO B 298 -14.55 -4.60 -14.31
CA PRO B 298 -15.24 -4.50 -15.60
C PRO B 298 -16.74 -4.17 -15.55
N ASN B 299 -17.40 -4.46 -14.44
CA ASN B 299 -18.85 -4.32 -14.37
C ASN B 299 -19.36 -3.15 -13.54
N LEU B 300 -18.45 -2.32 -13.05
CA LEU B 300 -18.80 -1.13 -12.26
C LEU B 300 -19.78 -0.28 -13.06
N ILE B 301 -20.91 0.07 -12.45
CA ILE B 301 -21.88 0.95 -13.08
C ILE B 301 -22.43 1.99 -12.09
N PHE B 302 -22.38 3.27 -12.49
CA PHE B 302 -23.10 4.36 -11.82
C PHE B 302 -24.44 4.60 -12.48
N THR B 303 -25.48 4.70 -11.68
CA THR B 303 -26.77 5.16 -12.17
C THR B 303 -27.24 6.33 -11.32
N LEU B 304 -28.28 7.00 -11.81
CA LEU B 304 -28.78 8.22 -11.24
C LEU B 304 -30.29 8.15 -11.28
N GLU B 305 -30.90 7.88 -10.12
CA GLU B 305 -32.27 7.40 -10.04
C GLU B 305 -33.16 8.28 -9.18
N LYS B 306 -34.17 8.87 -9.81
CA LYS B 306 -35.11 9.73 -9.13
C LYS B 306 -35.91 8.96 -8.09
N VAL B 307 -36.13 9.62 -6.96
CA VAL B 307 -36.73 9.01 -5.77
C VAL B 307 -37.63 10.04 -5.08
N GLU B 308 -38.55 9.52 -4.28
CA GLU B 308 -39.46 10.32 -3.46
C GLU B 308 -38.72 11.26 -2.51
N LYS B 309 -39.21 12.49 -2.42
CA LYS B 309 -38.56 13.58 -1.66
C LYS B 309 -38.83 13.49 -0.17
N PRO B 310 -37.78 13.29 0.65
CA PRO B 310 -38.00 13.23 2.10
C PRO B 310 -38.39 14.57 2.72
N GLN B 311 -39.07 14.50 3.86
CA GLN B 311 -39.45 15.69 4.58
C GLN B 311 -38.25 16.34 5.30
N GLN B 312 -37.30 15.51 5.75
CA GLN B 312 -36.07 15.97 6.40
C GLN B 312 -34.80 15.38 5.76
N VAL B 313 -33.73 16.16 5.78
CA VAL B 313 -32.45 15.81 5.14
C VAL B 313 -31.34 16.23 6.06
N PHE B 314 -30.10 15.86 5.73
CA PHE B 314 -28.95 16.23 6.58
C PHE B 314 -28.76 17.76 6.47
N SER B 315 -28.16 18.40 7.49
CA SER B 315 -27.74 19.79 7.35
C SER B 315 -26.53 19.86 6.43
N SER B 316 -26.32 21.03 5.83
CA SER B 316 -25.22 21.20 4.90
C SER B 316 -23.92 20.87 5.61
N GLN B 317 -23.76 21.32 6.85
CA GLN B 317 -22.54 21.07 7.63
C GLN B 317 -22.37 19.58 7.94
N CYS B 318 -23.47 18.92 8.28
CA CYS B 318 -23.43 17.49 8.50
C CYS B 318 -22.94 16.74 7.23
N THR B 319 -23.50 17.13 6.10
CA THR B 319 -23.08 16.54 4.85
C THR B 319 -21.59 16.70 4.62
N LYS B 320 -21.07 17.91 4.80
CA LYS B 320 -19.64 18.12 4.58
C LYS B 320 -18.80 17.28 5.55
N ASN B 321 -19.21 17.19 6.81
CA ASN B 321 -18.46 16.38 7.77
C ASN B 321 -18.54 14.90 7.40
N ILE B 322 -19.72 14.41 7.01
CA ILE B 322 -19.82 13.00 6.73
C ILE B 322 -19.06 12.63 5.45
N ILE B 323 -19.05 13.52 4.46
CA ILE B 323 -18.40 13.23 3.18
C ILE B 323 -16.92 13.26 3.33
N HIS B 324 -16.42 14.28 4.00
CA HIS B 324 -14.99 14.42 4.11
C HIS B 324 -14.32 13.43 5.08
N CYS B 325 -15.05 13.03 6.10
CA CYS B 325 -14.61 12.01 7.01
C CYS B 325 -14.49 10.71 6.31
N LEU B 326 -15.57 10.27 5.61
CA LEU B 326 -15.53 8.98 5.01
C LEU B 326 -14.60 8.94 3.79
N ASN B 327 -14.26 10.08 3.22
CA ASN B 327 -13.38 10.09 2.07
C ASN B 327 -11.96 9.88 2.55
N VAL B 328 -11.60 10.55 3.64
CA VAL B 328 -10.29 10.39 4.26
C VAL B 328 -10.15 9.03 4.94
N LEU B 329 -11.28 8.41 5.34
CA LEU B 329 -11.27 7.14 6.06
C LEU B 329 -10.26 6.18 5.44
N PRO B 330 -9.19 5.82 6.19
CA PRO B 330 -8.27 4.80 5.72
C PRO B 330 -8.98 3.52 5.31
N ASN B 331 -8.52 2.90 4.22
CA ASN B 331 -9.09 1.61 3.78
C ASN B 331 -8.10 0.83 2.90
N GLY B 332 -8.01 -0.48 3.11
CA GLY B 332 -7.13 -1.36 2.31
C GLY B 332 -5.78 -1.55 2.96
N VAL B 333 -4.76 -1.80 2.15
CA VAL B 333 -3.46 -2.18 2.68
C VAL B 333 -2.83 -1.00 3.40
N VAL B 334 -2.48 -1.23 4.66
CA VAL B 334 -1.84 -0.23 5.47
C VAL B 334 -0.36 -0.49 5.41
N ARG B 335 0.03 -1.76 5.56
CA ARG B 335 1.45 -2.10 5.44
C ARG B 335 1.65 -3.53 4.98
N ASN B 336 2.57 -3.69 4.03
CA ASN B 336 3.00 -5.00 3.55
C ASN B 336 4.12 -5.51 4.43
N SER B 337 4.27 -6.82 4.53
CA SER B 337 5.31 -7.37 5.39
C SER B 337 6.69 -7.23 4.79
N ASP B 338 7.65 -6.84 5.64
CA ASP B 338 9.07 -6.86 5.29
C ASP B 338 9.68 -8.21 5.64
N VAL B 339 9.19 -8.81 6.72
CA VAL B 339 9.73 -10.08 7.20
C VAL B 339 9.30 -11.25 6.31
N ILE B 340 8.01 -11.32 5.97
CA ILE B 340 7.46 -12.41 5.16
C ILE B 340 7.24 -11.92 3.74
N GLU B 341 7.31 -12.84 2.78
CA GLU B 341 7.29 -12.48 1.37
C GLU B 341 5.88 -12.51 0.79
N ASN B 342 5.50 -11.44 0.09
CA ASN B 342 4.19 -11.32 -0.54
C ASN B 342 3.01 -11.53 0.44
N VAL B 343 3.12 -10.94 1.63
CA VAL B 343 2.04 -10.98 2.62
C VAL B 343 1.75 -9.58 3.14
N VAL B 344 0.47 -9.21 3.12
CA VAL B 344 0.03 -7.96 3.75
C VAL B 344 0.18 -8.11 5.25
N GLU B 345 0.89 -7.19 5.89
CA GLU B 345 1.04 -7.23 7.35
C GLU B 345 -0.18 -6.66 8.05
N THR B 346 -0.62 -5.48 7.60
CA THR B 346 -1.72 -4.75 8.26
C THR B 346 -2.63 -4.13 7.20
N SER B 347 -3.94 -4.30 7.41
CA SER B 347 -4.98 -3.77 6.55
C SER B 347 -6.20 -3.38 7.40
N LEU B 348 -7.18 -2.75 6.75
CA LEU B 348 -8.51 -2.62 7.27
C LEU B 348 -9.47 -2.50 6.11
N SER B 349 -10.73 -2.81 6.34
CA SER B 349 -11.71 -2.66 5.28
C SER B 349 -13.05 -2.32 5.88
N ILE B 350 -13.73 -1.36 5.25
CA ILE B 350 -15.09 -0.97 5.62
C ILE B 350 -16.04 -1.75 4.79
N GLY B 351 -16.84 -2.59 5.43
CA GLY B 351 -17.77 -3.49 4.72
C GLY B 351 -19.21 -3.04 4.75
N VAL B 352 -19.60 -2.22 5.70
CA VAL B 352 -20.99 -1.73 5.74
C VAL B 352 -21.05 -0.26 6.14
N LEU B 353 -21.99 0.45 5.52
CA LEU B 353 -22.29 1.85 5.83
C LEU B 353 -23.80 1.96 5.92
N LYS B 354 -24.30 2.55 6.99
CA LYS B 354 -25.74 2.67 7.19
C LYS B 354 -26.10 3.99 7.84
N THR B 355 -27.22 4.55 7.40
CA THR B 355 -27.80 5.76 7.94
C THR B 355 -28.85 5.35 8.95
N GLU B 356 -28.59 5.60 10.23
CA GLU B 356 -29.56 5.28 11.27
C GLU B 356 -30.18 6.57 11.78
N ASP B 357 -31.05 6.48 12.77
CA ASP B 357 -31.56 7.66 13.44
C ASP B 357 -30.38 8.40 14.08
N ASN B 358 -30.09 9.59 13.58
CA ASN B 358 -29.13 10.47 14.22
C ASN B 358 -27.65 10.07 14.16
N PHE B 359 -27.29 8.97 13.50
CA PHE B 359 -25.90 8.62 13.26
C PHE B 359 -25.73 7.97 11.89
N VAL B 360 -24.56 8.15 11.29
CA VAL B 360 -24.13 7.32 10.18
C VAL B 360 -23.08 6.33 10.72
N ARG B 361 -23.32 5.03 10.48
CA ARG B 361 -22.47 3.96 11.05
C ARG B 361 -21.67 3.28 9.95
N SER B 362 -20.37 3.17 10.21
CA SER B 362 -19.39 2.52 9.36
C SER B 362 -18.84 1.33 10.13
N THR B 363 -18.81 0.17 9.46
CA THR B 363 -18.51 -1.10 10.07
C THR B 363 -17.25 -1.66 9.43
N LEU B 365 -13.40 -4.05 9.60
CA LEU B 365 -12.53 -5.05 10.20
C LEU B 365 -11.08 -4.63 10.01
N VAL B 366 -10.38 -4.40 11.13
CA VAL B 366 -8.94 -4.16 11.10
C VAL B 366 -8.23 -5.51 11.20
N ARG B 367 -7.19 -5.70 10.38
CA ARG B 367 -6.39 -6.93 10.41
C ARG B 367 -4.91 -6.63 10.52
N SER B 368 -4.20 -7.48 11.26
CA SER B 368 -2.75 -7.43 11.24
C SER B 368 -2.15 -8.74 11.73
N LEU B 369 -0.96 -9.05 11.23
CA LEU B 369 -0.19 -10.19 11.70
C LEU B 369 0.37 -9.91 13.10
N ILE B 370 0.50 -8.64 13.45
CA ILE B 370 1.12 -8.20 14.71
C ILE B 370 0.14 -7.33 15.52
N GLU B 371 0.19 -7.40 16.86
CA GLU B 371 -0.80 -6.68 17.67
C GLU B 371 -0.67 -5.15 17.49
N SER B 372 0.56 -4.67 17.31
CA SER B 372 0.84 -3.25 17.28
C SER B 372 0.38 -2.59 15.99
N GLY B 373 0.20 -3.39 14.94
CA GLY B 373 -0.33 -2.89 13.68
C GLY B 373 -1.82 -2.61 13.80
N LYS B 374 -2.50 -3.48 14.52
CA LYS B 374 -3.91 -3.29 14.83
C LYS B 374 -4.13 -2.03 15.67
N SER B 375 -3.36 -1.90 16.73
CA SER B 375 -3.51 -0.77 17.62
C SER B 375 -3.20 0.54 16.88
N TYR B 376 -2.28 0.45 15.92
CA TYR B 376 -1.92 1.63 15.12
C TYR B 376 -3.06 2.07 14.24
N VAL B 377 -3.70 1.13 13.56
CA VAL B 377 -4.86 1.48 12.76
C VAL B 377 -5.92 2.09 13.69
N ALA B 378 -6.15 1.46 14.84
CA ALA B 378 -7.16 1.94 15.80
C ALA B 378 -6.83 3.37 16.22
N SER B 379 -5.54 3.69 16.35
CA SER B 379 -5.11 5.05 16.62
C SER B 379 -5.57 6.01 15.50
N LEU B 380 -5.40 5.59 14.25
CA LEU B 380 -5.75 6.39 13.07
C LEU B 380 -7.19 6.70 13.06
N LEU B 381 -8.01 5.65 13.23
CA LEU B 381 -9.45 5.83 13.27
C LEU B 381 -9.88 6.77 14.41
N LYS B 382 -9.31 6.60 15.60
CA LYS B 382 -9.62 7.50 16.71
C LYS B 382 -9.18 8.97 16.45
N SER B 383 -8.10 9.12 15.71
CA SER B 383 -7.72 10.44 15.23
C SER B 383 -8.78 10.96 14.22
N LEU B 384 -9.12 10.15 13.24
CA LEU B 384 -10.16 10.62 12.33
C LEU B 384 -11.40 11.04 13.13
N ALA B 385 -11.91 10.16 14.00
CA ALA B 385 -13.21 10.40 14.70
C ALA B 385 -13.24 11.69 15.49
N SER B 386 -12.12 11.98 16.11
CA SER B 386 -11.91 13.21 16.83
CA SER B 386 -11.95 13.22 16.83
C SER B 386 -12.04 14.44 15.92
N LEU B 387 -11.30 14.43 14.79
CA LEU B 387 -11.35 15.54 13.82
C LEU B 387 -12.81 15.77 13.37
N ALA B 388 -13.52 14.67 13.29
CA ALA B 388 -14.85 14.63 12.74
C ALA B 388 -15.96 14.60 13.80
N GLN B 389 -15.57 14.71 15.06
CA GLN B 389 -16.49 14.61 16.18
C GLN B 389 -17.46 13.42 16.10
N GLY B 390 -16.91 12.24 15.83
CA GLY B 390 -17.63 10.99 15.90
C GLY B 390 -16.96 10.14 16.97
N ASN B 391 -17.32 8.86 17.01
CA ASN B 391 -16.73 7.95 18.01
C ASN B 391 -16.45 6.56 17.41
N ILE B 392 -15.37 5.96 17.91
CA ILE B 392 -14.95 4.62 17.51
C ILE B 392 -15.32 3.62 18.60
N ASN B 393 -15.91 2.49 18.23
CA ASN B 393 -16.13 1.39 19.15
C ASN B 393 -15.34 0.19 18.68
N LEU B 394 -14.43 -0.31 19.52
CA LEU B 394 -13.60 -1.48 19.22
C LEU B 394 -14.16 -2.68 19.95
N SER B 395 -14.27 -3.80 19.24
CA SER B 395 -14.68 -5.07 19.81
C SER B 395 -14.13 -6.26 19.01
N GLY B 396 -14.33 -7.44 19.53
CA GLY B 396 -13.98 -8.65 18.79
C GLY B 396 -12.53 -8.79 18.47
N ASP B 397 -11.66 -8.42 19.39
CA ASP B 397 -10.22 -8.49 19.18
C ASP B 397 -9.72 -9.93 19.31
N TYR B 398 -8.98 -10.41 18.33
CA TYR B 398 -8.35 -11.73 18.43
C TYR B 398 -6.91 -11.68 17.95
N PRO B 399 -6.04 -12.55 18.51
CA PRO B 399 -4.63 -12.47 18.19
C PRO B 399 -4.31 -13.21 16.91
N GLY B 400 -3.22 -12.81 16.28
CA GLY B 400 -2.77 -13.48 15.08
C GLY B 400 -2.04 -14.73 15.46
N TRP B 401 -1.56 -15.43 14.45
CA TRP B 401 -0.79 -16.63 14.65
C TRP B 401 0.61 -16.40 14.10
N GLU B 402 1.56 -16.28 15.01
CA GLU B 402 2.95 -15.97 14.69
C GLU B 402 3.65 -17.28 14.29
N PRO B 403 4.34 -17.28 13.15
CA PRO B 403 5.11 -18.49 12.81
C PRO B 403 6.03 -18.95 13.94
N GLN B 404 6.05 -20.24 14.22
CA GLN B 404 6.95 -20.76 15.27
C GLN B 404 8.40 -20.58 14.81
N SER B 405 9.33 -20.52 15.77
CA SER B 405 10.76 -20.47 15.44
C SER B 405 11.20 -21.77 14.77
N HIS B 406 10.71 -22.89 15.27
CA HIS B 406 10.95 -24.19 14.67
C HIS B 406 9.72 -25.06 14.90
N SER B 407 9.46 -25.99 13.98
CA SER B 407 8.32 -26.91 14.11
C SER B 407 8.67 -28.27 13.53
N ASP B 408 8.60 -29.31 14.37
CA ASP B 408 8.78 -30.68 13.91
C ASP B 408 7.60 -31.16 13.04
N ILE B 409 6.38 -30.72 13.36
CA ILE B 409 5.20 -31.11 12.59
C ILE B 409 5.22 -30.50 11.19
N LEU B 410 5.80 -29.30 11.06
CA LEU B 410 5.96 -28.67 9.76
C LEU B 410 6.96 -29.47 8.94
N ASP B 411 8.07 -29.85 9.57
CA ASP B 411 9.07 -30.68 8.89
C ASP B 411 8.41 -31.91 8.29
N LEU B 412 7.62 -32.62 9.10
CA LEU B 412 6.94 -33.85 8.66
C LEU B 412 5.91 -33.55 7.59
N THR B 413 5.10 -32.51 7.81
CA THR B 413 4.04 -32.15 6.87
C THR B 413 4.58 -31.81 5.49
N LYS B 414 5.72 -31.14 5.47
CA LYS B 414 6.42 -30.79 4.23
C LYS B 414 6.90 -32.06 3.52
N THR B 415 7.58 -32.92 4.28
CA THR B 415 8.09 -34.19 3.77
C THR B 415 6.99 -34.99 3.08
N ILE B 416 5.85 -35.14 3.78
CA ILE B 416 4.74 -35.93 3.25
C ILE B 416 4.09 -35.24 2.05
N TYR B 417 3.89 -33.92 2.14
CA TYR B 417 3.21 -33.22 1.06
C TYR B 417 4.00 -33.36 -0.23
N ALA B 418 5.32 -33.22 -0.12
CA ALA B 418 6.22 -33.33 -1.26
C ALA B 418 6.21 -34.75 -1.87
N GLN B 419 6.07 -35.77 -1.02
CA GLN B 419 5.94 -37.15 -1.48
C GLN B 419 4.65 -37.36 -2.28
N VAL B 420 3.55 -36.80 -1.79
CA VAL B 420 2.25 -37.01 -2.39
C VAL B 420 2.12 -36.22 -3.68
N LEU B 421 2.59 -34.98 -3.66
CA LEU B 421 2.46 -34.10 -4.82
C LEU B 421 3.50 -34.37 -5.90
N GLY B 422 4.74 -34.67 -5.50
CA GLY B 422 5.84 -34.81 -6.43
C GLY B 422 6.58 -33.50 -6.67
N THR B 423 6.01 -32.40 -6.19
CA THR B 423 6.69 -31.12 -6.14
C THR B 423 6.59 -30.62 -4.70
N ASP B 424 7.45 -29.67 -4.35
CA ASP B 424 7.42 -29.11 -3.00
C ASP B 424 6.19 -28.26 -2.79
N PRO B 425 5.62 -28.29 -1.57
CA PRO B 425 4.48 -27.44 -1.26
C PRO B 425 4.96 -26.06 -0.89
N GLU B 426 4.06 -25.08 -0.90
CA GLU B 426 4.39 -23.73 -0.45
C GLU B 426 4.03 -23.54 1.02
N ILE B 427 4.96 -22.94 1.76
CA ILE B 427 4.78 -22.64 3.16
C ILE B 427 4.52 -21.13 3.24
N LYS B 428 3.34 -20.77 3.77
CA LYS B 428 2.88 -19.39 3.79
C LYS B 428 2.20 -19.02 5.11
N VAL B 429 1.95 -17.73 5.28
CA VAL B 429 1.01 -17.26 6.30
C VAL B 429 -0.09 -16.53 5.53
N ILE B 430 -1.31 -16.60 6.03
CA ILE B 430 -2.47 -16.02 5.36
C ILE B 430 -2.91 -14.69 6.03
N HIS B 431 -3.34 -13.72 5.23
CA HIS B 431 -3.89 -12.48 5.76
C HIS B 431 -5.40 -12.65 5.93
N ALA B 432 -5.73 -13.55 6.83
CA ALA B 432 -7.11 -13.74 7.26
C ALA B 432 -7.07 -14.40 8.62
N GLY B 433 -8.24 -14.63 9.20
CA GLY B 433 -8.33 -15.25 10.52
C GLY B 433 -8.49 -16.77 10.56
N LEU B 434 -7.48 -17.45 11.11
CA LEU B 434 -7.61 -18.85 11.57
C LEU B 434 -7.69 -18.85 13.10
N GLU B 435 -8.15 -19.94 13.71
CA GLU B 435 -8.27 -20.01 15.16
C GLU B 435 -6.95 -20.26 15.87
N CYS B 436 -5.90 -20.51 15.12
CA CYS B 436 -4.62 -20.99 15.65
C CYS B 436 -3.97 -20.07 16.66
N GLY B 437 -4.08 -18.76 16.42
CA GLY B 437 -3.57 -17.72 17.32
C GLY B 437 -4.22 -17.81 18.68
N LEU B 438 -5.53 -17.98 18.71
CA LEU B 438 -6.27 -18.21 19.96
C LEU B 438 -5.92 -19.55 20.60
N LEU B 439 -5.75 -20.59 19.78
CA LEU B 439 -5.46 -21.91 20.31
C LEU B 439 -4.07 -21.95 20.90
N LYS B 440 -3.10 -21.40 20.17
CA LYS B 440 -1.71 -21.34 20.64
C LYS B 440 -1.63 -20.44 21.89
N LYS B 441 -2.55 -19.48 22.01
CA LYS B 441 -2.66 -18.64 23.22
C LYS B 441 -2.97 -19.50 24.46
N ILE B 442 -3.86 -20.47 24.29
CA ILE B 442 -4.30 -21.34 25.38
C ILE B 442 -3.38 -22.56 25.52
N TYR B 443 -2.75 -22.97 24.42
CA TYR B 443 -1.88 -24.13 24.41
C TYR B 443 -0.52 -23.86 23.74
N PRO B 444 0.27 -22.93 24.33
CA PRO B 444 1.57 -22.51 23.80
C PRO B 444 2.55 -23.62 23.45
N THR B 445 2.56 -24.71 24.20
CA THR B 445 3.50 -25.80 23.95
C THR B 445 3.07 -26.74 22.82
N ILE B 446 1.85 -26.58 22.30
CA ILE B 446 1.38 -27.44 21.20
C ILE B 446 1.95 -26.95 19.87
N ASP B 447 2.52 -27.89 19.13
CA ASP B 447 3.14 -27.65 17.83
C ASP B 447 2.02 -27.63 16.81
N VAL B 449 0.09 -26.63 12.92
CA VAL B 449 0.16 -26.43 11.47
C VAL B 449 -1.27 -26.42 10.90
N SER B 450 -1.43 -25.77 9.75
CA SER B 450 -2.73 -25.73 9.08
C SER B 450 -2.60 -26.20 7.64
N ILE B 451 -3.50 -27.08 7.25
CA ILE B 451 -3.57 -27.58 5.87
C ILE B 451 -5.04 -27.77 5.54
N GLY B 452 -5.30 -28.10 4.29
CA GLY B 452 -6.65 -28.37 3.83
C GLY B 452 -6.71 -28.27 2.32
N PRO B 453 -7.75 -28.89 1.72
CA PRO B 453 -7.88 -28.94 0.28
C PRO B 453 -8.39 -27.61 -0.30
N THR B 454 -8.34 -27.49 -1.63
CA THR B 454 -8.76 -26.26 -2.30
C THR B 454 -10.26 -26.06 -2.22
N ILE B 455 -10.67 -25.01 -1.53
CA ILE B 455 -12.07 -24.60 -1.47
C ILE B 455 -12.14 -23.17 -1.97
N ARG B 456 -13.02 -22.93 -2.94
CA ARG B 456 -13.14 -21.61 -3.57
C ARG B 456 -14.35 -20.85 -3.06
N ASN B 457 -14.18 -19.54 -2.91
CA ASN B 457 -15.30 -18.64 -2.67
C ASN B 457 -16.13 -19.02 -1.42
N ALA B 458 -15.43 -19.32 -0.33
CA ALA B 458 -16.08 -19.59 0.95
C ALA B 458 -16.77 -18.33 1.47
N HIS B 459 -17.68 -18.50 2.43
CA HIS B 459 -18.55 -17.39 2.93
C HIS B 459 -19.64 -16.94 1.95
N SER B 460 -19.56 -17.40 0.69
CA SER B 460 -20.50 -16.97 -0.35
C SER B 460 -21.19 -18.19 -0.99
N PRO B 461 -22.36 -17.96 -1.62
CA PRO B 461 -23.05 -19.03 -2.35
C PRO B 461 -22.26 -19.61 -3.53
N ASP B 462 -21.14 -18.98 -3.87
CA ASP B 462 -20.21 -19.49 -4.89
C ASP B 462 -19.30 -20.63 -4.37
N GLU B 463 -19.51 -21.07 -3.13
CA GLU B 463 -18.56 -21.99 -2.48
C GLU B 463 -18.45 -23.34 -3.19
N LYS B 464 -17.25 -23.61 -3.71
CA LYS B 464 -16.95 -24.85 -4.43
C LYS B 464 -15.78 -25.58 -3.75
N VAL B 465 -15.78 -26.91 -3.79
CA VAL B 465 -14.67 -27.71 -3.26
C VAL B 465 -14.14 -28.68 -4.32
N HIS B 466 -12.84 -28.57 -4.62
CA HIS B 466 -12.19 -29.39 -5.65
C HIS B 466 -12.10 -30.85 -5.16
N ILE B 467 -12.72 -31.76 -5.91
CA ILE B 467 -12.78 -33.17 -5.50
C ILE B 467 -11.42 -33.85 -5.35
N PRO B 468 -10.56 -33.79 -6.39
CA PRO B 468 -9.27 -34.48 -6.27
C PRO B 468 -8.31 -33.88 -5.23
N ALA B 469 -8.46 -32.59 -4.94
CA ALA B 469 -7.69 -31.93 -3.87
C ALA B 469 -8.00 -32.52 -2.51
N VAL B 470 -9.25 -32.97 -2.32
CA VAL B 470 -9.69 -33.62 -1.08
C VAL B 470 -9.00 -34.99 -0.93
N GLU B 471 -8.83 -35.69 -2.05
CA GLU B 471 -8.10 -36.97 -2.06
C GLU B 471 -6.61 -36.77 -1.72
N THR B 472 -5.98 -35.80 -2.37
CA THR B 472 -4.58 -35.44 -2.09
C THR B 472 -4.41 -35.05 -0.63
N TYR B 473 -5.34 -34.23 -0.14
CA TYR B 473 -5.42 -33.83 1.25
C TYR B 473 -5.46 -35.06 2.16
N TRP B 474 -6.32 -36.00 1.81
CA TRP B 474 -6.49 -37.21 2.59
C TRP B 474 -5.17 -37.96 2.70
N LYS B 475 -4.58 -38.25 1.55
CA LYS B 475 -3.28 -38.95 1.52
C LYS B 475 -2.22 -38.22 2.37
N VAL B 476 -2.22 -36.89 2.32
CA VAL B 476 -1.27 -36.11 3.12
C VAL B 476 -1.62 -36.23 4.61
N LEU B 477 -2.89 -36.04 4.94
CA LEU B 477 -3.36 -36.16 6.33
C LEU B 477 -2.94 -37.52 6.89
N THR B 478 -3.41 -38.58 6.25
CA THR B 478 -3.14 -39.92 6.71
C THR B 478 -1.64 -40.24 6.70
N GLY B 479 -0.95 -39.77 5.68
CA GLY B 479 0.50 -39.89 5.60
C GLY B 479 1.23 -39.29 6.78
N ILE B 480 0.78 -38.10 7.21
CA ILE B 480 1.35 -37.44 8.38
C ILE B 480 1.05 -38.27 9.62
N LEU B 481 -0.21 -38.69 9.76
CA LEU B 481 -0.64 -39.48 10.91
C LEU B 481 0.18 -40.78 11.01
N ALA B 482 0.37 -41.45 9.88
CA ALA B 482 1.14 -42.69 9.86
C ALA B 482 2.56 -42.50 10.38
N HIS B 483 3.09 -41.28 10.34
CA HIS B 483 4.52 -41.07 10.59
C HIS B 483 4.90 -40.09 11.71
N ILE B 484 3.98 -39.80 12.62
CA ILE B 484 4.30 -38.94 13.76
C ILE B 484 5.36 -39.62 14.63
N PRO B 485 6.41 -38.89 15.04
CA PRO B 485 7.53 -39.53 15.74
C PRO B 485 7.32 -39.77 17.24
N SER B 486 8.31 -40.44 17.82
CA SER B 486 8.26 -40.89 19.19
C SER B 486 8.30 -39.72 20.16
N ARG B 487 7.71 -39.92 21.34
CA ARG B 487 7.71 -38.91 22.40
C ARG B 487 9.11 -38.63 22.91
#